data_1LCP
#
_entry.id   1LCP
#
_cell.length_a   130.400
_cell.length_b   130.400
_cell.length_c   125.400
_cell.angle_alpha   90.00
_cell.angle_beta   90.00
_cell.angle_gamma   120.00
#
_symmetry.space_group_name_H-M   'P 3 2 1'
#
loop_
_entity.id
_entity.type
_entity.pdbx_description
1 polymer 'LEUCINE AMINOPEPTIDASE'
2 non-polymer 'ZINC ION'
3 non-polymer 'LEUCINE PHOSPHONIC ACID'
4 non-polymer (4R)-2-METHYLPENTANE-2,4-DIOL
5 water water
#
_entity_poly.entity_id   1
_entity_poly.type   'polypeptide(L)'
_entity_poly.pdbx_seq_one_letter_code
;TKGLVLGIYSKEKEEDEPQFTSAGENFNKLVSGKLREILNISGPPLKAGKTRTFYGLHEDFPSVVVVGLGKKTAGIDEQE
NWHEGKENIRAAVAAGCRQIQDLEIPSVEVDPCGDAQAAAEGAVLGLYEYDDLKQKRKVVVSAKLHGSEDQEAWQRGVLF
ASGQNLARRLMETPANEMTPTKFAEIVEENLKSASIKTDVFIRPKSWIEEQEMGSFLSVAKGSEEPPVFLEIHYKGSPNA
SEPPLVFVGKGITFDSGGISIKAAANMDLMRADMGGAATICSAIVSAAKLDLPINIVGLAPLCENMPSGKANKPGDVVRA
RNGKTIQVDNTDAEGRLILADALCYAHTFNPKVIINAATLTGAMDIALGSGATGVFTNSSWLWNKLFEASIETGDRVWRM
PLFEHYTRQVIDCQLADVNNIGKYRSAGACTAAAFLKEFVTHPKWAHLDIAGVMTNKDEVPYLRKGMAGRPTRTLIEFLF
RFSQ
;
_entity_poly.pdbx_strand_id   A,B
#
# COMPACT_ATOMS: atom_id res chain seq x y z
N THR A 1 37.49 -16.50 28.49
CA THR A 1 37.45 -15.27 27.64
C THR A 1 36.22 -14.44 27.97
N LYS A 2 36.42 -13.13 28.05
CA LYS A 2 35.37 -12.16 28.36
C LYS A 2 35.48 -11.02 27.35
N GLY A 3 34.37 -10.70 26.68
CA GLY A 3 34.40 -9.66 25.68
C GLY A 3 33.66 -8.39 26.08
N LEU A 4 33.95 -7.30 25.39
CA LEU A 4 33.32 -6.02 25.68
C LEU A 4 32.95 -5.31 24.38
N VAL A 5 31.72 -4.82 24.30
CA VAL A 5 31.24 -4.08 23.13
C VAL A 5 31.09 -2.61 23.56
N LEU A 6 31.75 -1.69 22.84
CA LEU A 6 31.72 -0.26 23.14
C LEU A 6 31.30 0.54 21.90
N GLY A 7 30.57 1.62 22.11
CA GLY A 7 30.14 2.42 20.97
C GLY A 7 30.86 3.74 20.75
N ILE A 8 30.88 4.16 19.49
CA ILE A 8 31.48 5.45 19.13
C ILE A 8 30.57 6.11 18.10
N TYR A 9 30.36 7.42 18.23
CA TYR A 9 29.50 8.14 17.30
C TYR A 9 30.27 8.69 16.10
N SER A 10 29.53 9.13 15.09
CA SER A 10 30.16 9.75 13.93
C SER A 10 30.54 11.16 14.35
N LYS A 11 31.66 11.66 13.84
CA LYS A 11 32.14 12.98 14.21
C LYS A 11 31.27 14.12 13.65
N GLU A 12 31.00 15.12 14.49
CA GLU A 12 30.21 16.29 14.08
C GLU A 12 31.21 17.29 13.49
N LYS A 13 30.71 18.24 12.70
CA LYS A 13 31.54 19.25 12.04
C LYS A 13 32.51 20.01 12.93
N GLU A 14 32.08 20.45 14.10
CA GLU A 14 32.97 21.21 14.95
C GLU A 14 33.78 20.40 15.96
N GLU A 15 33.66 19.07 15.90
CA GLU A 15 34.40 18.22 16.81
C GLU A 15 35.74 17.88 16.18
N ASP A 16 36.76 17.72 17.01
CA ASP A 16 38.10 17.38 16.55
C ASP A 16 38.27 15.89 16.29
N GLU A 17 37.47 15.08 16.98
CA GLU A 17 37.54 13.62 16.85
C GLU A 17 36.15 13.05 17.15
N PRO A 18 35.84 11.84 16.62
CA PRO A 18 34.52 11.29 16.91
C PRO A 18 34.45 10.94 18.41
N GLN A 19 33.27 11.14 19.00
CA GLN A 19 33.10 10.91 20.43
C GLN A 19 32.62 9.53 20.86
N PHE A 20 33.28 8.97 21.87
CA PHE A 20 32.88 7.69 22.43
C PHE A 20 31.65 7.95 23.29
N THR A 21 30.96 6.88 23.66
CA THR A 21 29.82 6.98 24.57
C THR A 21 30.46 7.21 25.97
N SER A 22 29.66 7.36 27.01
CA SER A 22 30.19 7.55 28.36
C SER A 22 31.05 6.33 28.74
N ALA A 23 30.54 5.14 28.48
CA ALA A 23 31.24 3.90 28.77
C ALA A 23 32.53 3.77 27.97
N GLY A 24 32.49 4.19 26.71
CA GLY A 24 33.67 4.13 25.86
C GLY A 24 34.79 5.01 26.38
N GLU A 25 34.46 6.26 26.72
CA GLU A 25 35.48 7.17 27.24
C GLU A 25 35.96 6.75 28.63
N ASN A 26 35.07 6.14 29.43
CA ASN A 26 35.49 5.67 30.75
C ASN A 26 36.55 4.58 30.60
N PHE A 27 36.32 3.65 29.67
CA PHE A 27 37.28 2.58 29.41
C PHE A 27 38.58 3.17 28.83
N ASN A 28 38.45 4.13 27.93
CA ASN A 28 39.63 4.77 27.34
C ASN A 28 40.49 5.42 28.44
N LYS A 29 39.82 6.10 29.38
CA LYS A 29 40.50 6.75 30.50
C LYS A 29 41.21 5.71 31.37
N LEU A 30 40.52 4.60 31.63
CA LEU A 30 41.07 3.53 32.44
C LEU A 30 42.40 3.00 31.88
N VAL A 31 42.48 2.88 30.55
CA VAL A 31 43.69 2.38 29.91
C VAL A 31 44.61 3.51 29.41
N SER A 32 44.52 4.66 30.07
CA SER A 32 45.36 5.81 29.76
C SER A 32 45.39 6.25 28.29
N GLY A 33 44.25 6.18 27.63
CA GLY A 33 44.17 6.60 26.24
C GLY A 33 44.57 5.59 25.19
N LYS A 34 44.87 4.35 25.57
CA LYS A 34 45.28 3.35 24.57
C LYS A 34 44.17 2.96 23.58
N LEU A 35 42.90 3.06 24.00
CA LEU A 35 41.80 2.71 23.11
C LEU A 35 41.74 3.73 21.95
N ARG A 36 41.84 5.01 22.28
CA ARG A 36 41.82 6.05 21.26
C ARG A 36 43.04 5.91 20.35
N GLU A 37 44.22 5.67 20.95
CA GLU A 37 45.46 5.54 20.17
C GLU A 37 45.39 4.40 19.14
N ILE A 38 44.91 3.23 19.57
CA ILE A 38 44.81 2.09 18.65
C ILE A 38 43.72 2.30 17.60
N LEU A 39 42.59 2.91 17.98
CA LEU A 39 41.53 3.19 17.02
C LEU A 39 42.10 4.13 15.94
N ASN A 40 42.85 5.13 16.37
CA ASN A 40 43.45 6.07 15.42
C ASN A 40 44.43 5.38 14.47
N ILE A 41 45.26 4.51 15.02
CA ILE A 41 46.24 3.76 14.24
C ILE A 41 45.56 2.83 13.22
N SER A 42 44.42 2.24 13.60
CA SER A 42 43.73 1.33 12.71
C SER A 42 43.18 1.94 11.42
N GLY A 43 43.12 3.27 11.34
CA GLY A 43 42.66 3.89 10.10
C GLY A 43 41.41 4.74 10.02
N PRO A 44 40.56 4.50 9.00
CA PRO A 44 39.31 5.23 8.76
C PRO A 44 38.28 5.11 9.90
N PRO A 45 37.50 6.17 10.13
CA PRO A 45 36.50 6.12 11.20
C PRO A 45 35.42 5.05 11.00
N LEU A 46 34.83 4.62 12.12
CA LEU A 46 33.77 3.63 12.11
C LEU A 46 32.42 4.30 11.85
N LYS A 47 31.77 3.91 10.76
CA LYS A 47 30.47 4.46 10.40
C LYS A 47 29.36 3.62 11.03
N ALA A 48 28.11 4.09 10.93
CA ALA A 48 26.99 3.39 11.55
C ALA A 48 26.89 1.89 11.17
N GLY A 49 26.83 1.04 12.19
CA GLY A 49 26.70 -0.39 11.94
C GLY A 49 27.97 -1.17 11.71
N LYS A 50 29.10 -0.48 11.55
CA LYS A 50 30.39 -1.14 11.31
C LYS A 50 31.10 -1.48 12.63
N THR A 51 32.04 -2.42 12.60
CA THR A 51 32.78 -2.81 13.81
C THR A 51 34.28 -3.00 13.57
N ARG A 52 35.06 -2.94 14.66
CA ARG A 52 36.50 -3.17 14.60
C ARG A 52 36.89 -3.79 15.94
N THR A 53 37.83 -4.74 15.93
CA THR A 53 38.24 -5.45 17.15
C THR A 53 39.68 -5.17 17.60
N PHE A 54 39.86 -4.87 18.90
CA PHE A 54 41.17 -4.59 19.45
C PHE A 54 41.49 -5.58 20.56
N TYR A 55 42.66 -6.22 20.48
CA TYR A 55 43.06 -7.22 21.46
C TYR A 55 44.08 -6.79 22.52
N GLY A 56 44.01 -7.42 23.68
CA GLY A 56 44.94 -7.18 24.77
C GLY A 56 45.00 -5.83 25.42
N LEU A 57 43.93 -5.04 25.36
CA LEU A 57 43.93 -3.70 25.96
C LEU A 57 43.80 -3.71 27.48
N HIS A 58 43.19 -4.77 28.02
CA HIS A 58 43.00 -4.89 29.46
C HIS A 58 42.87 -6.36 29.81
N GLU A 59 43.42 -6.76 30.94
CA GLU A 59 43.37 -8.16 31.37
C GLU A 59 41.98 -8.77 31.47
N ASP A 60 41.00 -7.99 31.88
CA ASP A 60 39.63 -8.46 32.01
C ASP A 60 38.88 -8.57 30.67
N PHE A 61 39.38 -7.89 29.65
CA PHE A 61 38.75 -7.89 28.34
C PHE A 61 39.78 -8.09 27.22
N PRO A 62 40.18 -9.34 26.95
CA PRO A 62 41.16 -9.63 25.90
C PRO A 62 40.67 -9.22 24.51
N SER A 63 39.36 -9.14 24.34
CA SER A 63 38.76 -8.73 23.06
C SER A 63 37.76 -7.57 23.28
N VAL A 64 38.03 -6.44 22.64
CA VAL A 64 37.13 -5.27 22.74
C VAL A 64 36.65 -4.94 21.33
N VAL A 65 35.33 -4.95 21.13
CA VAL A 65 34.77 -4.64 19.81
C VAL A 65 34.12 -3.26 19.87
N VAL A 66 34.62 -2.32 19.08
CA VAL A 66 34.04 -0.98 19.02
C VAL A 66 33.06 -0.97 17.85
N VAL A 67 31.89 -0.37 18.05
CA VAL A 67 30.85 -0.34 17.02
C VAL A 67 30.38 1.09 16.72
N GLY A 68 30.13 1.37 15.44
CA GLY A 68 29.69 2.70 15.04
C GLY A 68 28.21 2.92 15.31
N LEU A 69 27.89 4.01 15.99
CA LEU A 69 26.52 4.33 16.35
C LEU A 69 25.83 5.39 15.49
N GLY A 70 26.56 5.98 14.54
CA GLY A 70 25.97 7.01 13.70
C GLY A 70 25.90 8.35 14.44
N LYS A 71 24.97 9.21 14.05
CA LYS A 71 24.82 10.53 14.67
C LYS A 71 24.22 10.41 16.07
N LYS A 72 24.88 11.01 17.05
CA LYS A 72 24.42 10.95 18.44
C LYS A 72 23.02 11.46 18.70
N THR A 73 22.66 12.56 18.07
CA THR A 73 21.35 13.15 18.30
C THR A 73 20.27 12.68 17.32
N ALA A 74 20.52 11.58 16.62
CA ALA A 74 19.55 11.05 15.66
C ALA A 74 18.27 10.71 16.39
N GLY A 75 17.19 11.40 16.04
CA GLY A 75 15.91 11.15 16.68
C GLY A 75 14.94 10.51 15.71
N ILE A 76 13.69 10.93 15.80
CA ILE A 76 12.65 10.41 14.91
C ILE A 76 12.90 10.95 13.50
N ASP A 77 13.03 10.04 12.53
CA ASP A 77 13.25 10.39 11.15
C ASP A 77 11.87 10.46 10.51
N GLU A 78 11.42 11.68 10.21
CA GLU A 78 10.09 11.88 9.62
C GLU A 78 9.90 11.19 8.27
N GLN A 79 10.99 10.89 7.55
CA GLN A 79 10.88 10.20 6.27
C GLN A 79 10.74 8.68 6.39
N GLU A 80 11.40 8.12 7.40
CA GLU A 80 11.39 6.67 7.60
C GLU A 80 10.36 6.15 8.62
N ASN A 81 9.70 7.07 9.33
CA ASN A 81 8.71 6.70 10.32
C ASN A 81 9.24 5.80 11.45
N TRP A 82 10.41 6.14 11.97
CA TRP A 82 11.00 5.41 13.10
C TRP A 82 12.01 6.27 13.84
N HIS A 83 12.39 5.83 15.04
CA HIS A 83 13.40 6.52 15.82
C HIS A 83 14.73 5.96 15.30
N GLU A 84 15.44 6.78 14.53
CA GLU A 84 16.71 6.38 13.92
C GLU A 84 17.80 6.03 14.93
N GLY A 85 17.91 6.81 16.00
CA GLY A 85 18.90 6.55 17.03
C GLY A 85 18.81 5.12 17.58
N LYS A 86 17.59 4.68 17.86
CA LYS A 86 17.36 3.33 18.38
C LYS A 86 17.71 2.26 17.34
N GLU A 87 17.32 2.48 16.09
CA GLU A 87 17.64 1.53 15.03
C GLU A 87 19.16 1.42 14.82
N ASN A 88 19.87 2.54 14.95
CA ASN A 88 21.33 2.53 14.81
C ASN A 88 21.95 1.67 15.93
N ILE A 89 21.46 1.86 17.15
CA ILE A 89 21.95 1.10 18.30
C ILE A 89 21.70 -0.41 18.17
N ARG A 90 20.47 -0.79 17.80
CA ARG A 90 20.15 -2.21 17.64
C ARG A 90 21.09 -2.87 16.62
N ALA A 91 21.29 -2.17 15.49
CA ALA A 91 22.17 -2.69 14.43
C ALA A 91 23.62 -2.82 14.89
N ALA A 92 24.16 -1.75 15.48
CA ALA A 92 25.55 -1.75 15.92
C ALA A 92 25.87 -2.80 16.98
N VAL A 93 25.01 -2.90 17.99
CA VAL A 93 25.20 -3.86 19.06
C VAL A 93 25.10 -5.29 18.54
N ALA A 94 24.15 -5.56 17.64
CA ALA A 94 24.00 -6.90 17.08
C ALA A 94 25.29 -7.29 16.32
N ALA A 95 25.82 -6.35 15.54
CA ALA A 95 27.04 -6.58 14.78
C ALA A 95 28.21 -6.88 15.72
N GLY A 96 28.34 -6.10 16.78
CA GLY A 96 29.40 -6.31 17.76
C GLY A 96 29.28 -7.67 18.43
N CYS A 97 28.08 -8.04 18.84
CA CYS A 97 27.87 -9.34 19.47
C CYS A 97 28.17 -10.52 18.54
N ARG A 98 27.85 -10.39 17.26
CA ARG A 98 28.13 -11.46 16.29
C ARG A 98 29.66 -11.69 16.18
N GLN A 99 30.44 -10.61 16.22
CA GLN A 99 31.90 -10.71 16.16
C GLN A 99 32.42 -11.43 17.40
N ILE A 100 31.87 -11.11 18.56
CA ILE A 100 32.26 -11.74 19.82
C ILE A 100 32.00 -13.26 19.72
N GLN A 101 30.85 -13.62 19.16
CA GLN A 101 30.49 -15.02 18.98
C GLN A 101 31.39 -15.74 17.98
N ASP A 102 31.82 -15.04 16.94
CA ASP A 102 32.70 -15.64 15.94
C ASP A 102 34.05 -15.98 16.61
N LEU A 103 34.43 -15.18 17.61
CA LEU A 103 35.66 -15.38 18.37
C LEU A 103 35.49 -16.46 19.44
N GLU A 104 34.31 -17.07 19.46
CA GLU A 104 33.98 -18.15 20.40
C GLU A 104 34.08 -17.75 21.88
N ILE A 105 33.73 -16.50 22.17
CA ILE A 105 33.75 -15.96 23.54
C ILE A 105 32.35 -16.17 24.14
N PRO A 106 32.27 -16.88 25.28
CA PRO A 106 31.00 -17.18 25.95
C PRO A 106 30.26 -16.08 26.72
N SER A 107 30.93 -14.99 27.08
CA SER A 107 30.25 -13.92 27.80
C SER A 107 30.72 -12.54 27.33
N VAL A 108 29.77 -11.62 27.21
CA VAL A 108 30.10 -10.28 26.74
C VAL A 108 29.33 -9.22 27.52
N GLU A 109 30.00 -8.10 27.81
CA GLU A 109 29.35 -6.99 28.49
C GLU A 109 29.10 -5.96 27.39
N VAL A 110 27.91 -5.37 27.41
CA VAL A 110 27.47 -4.44 26.38
C VAL A 110 27.20 -3.01 26.84
N ASP A 111 27.87 -2.06 26.18
CA ASP A 111 27.70 -0.62 26.42
C ASP A 111 26.21 -0.29 26.22
N PRO A 112 25.59 0.42 27.17
CA PRO A 112 24.16 0.75 26.98
C PRO A 112 23.92 1.73 25.82
N CYS A 113 24.98 2.39 25.38
CA CYS A 113 24.91 3.33 24.24
C CYS A 113 23.85 4.42 24.33
N GLY A 114 23.62 4.94 25.53
CA GLY A 114 22.62 5.98 25.70
C GLY A 114 21.17 5.52 25.67
N ASP A 115 20.94 4.24 25.44
CA ASP A 115 19.58 3.69 25.39
C ASP A 115 19.67 2.19 25.64
N ALA A 116 19.77 1.81 26.91
CA ALA A 116 19.90 0.42 27.31
C ALA A 116 18.87 -0.55 26.73
N GLN A 117 17.61 -0.12 26.58
CA GLN A 117 16.59 -1.02 26.01
C GLN A 117 16.96 -1.35 24.56
N ALA A 118 17.33 -0.34 23.77
CA ALA A 118 17.70 -0.57 22.38
C ALA A 118 18.95 -1.46 22.29
N ALA A 119 19.91 -1.23 23.17
CA ALA A 119 21.14 -2.03 23.20
C ALA A 119 20.83 -3.51 23.50
N ALA A 120 20.00 -3.74 24.51
CA ALA A 120 19.63 -5.10 24.88
C ALA A 120 18.90 -5.78 23.72
N GLU A 121 18.03 -5.04 23.06
CA GLU A 121 17.27 -5.57 21.93
C GLU A 121 18.21 -6.02 20.80
N GLY A 122 19.22 -5.20 20.50
CA GLY A 122 20.17 -5.56 19.46
C GLY A 122 20.96 -6.82 19.83
N ALA A 123 21.38 -6.91 21.09
CA ALA A 123 22.13 -8.08 21.54
C ALA A 123 21.31 -9.38 21.53
N VAL A 124 20.13 -9.36 22.14
CA VAL A 124 19.28 -10.55 22.23
C VAL A 124 18.70 -11.00 20.87
N LEU A 125 18.21 -10.05 20.08
CA LEU A 125 17.68 -10.38 18.75
C LEU A 125 18.83 -10.79 17.81
N GLY A 126 19.95 -10.09 17.94
CA GLY A 126 21.10 -10.35 17.09
C GLY A 126 21.77 -11.70 17.27
N LEU A 127 21.86 -12.15 18.51
CA LEU A 127 22.50 -13.43 18.81
C LEU A 127 21.63 -14.67 18.55
N TYR A 128 20.31 -14.49 18.54
CA TYR A 128 19.38 -15.61 18.34
C TYR A 128 19.64 -16.47 17.11
N GLU A 129 19.47 -17.77 17.30
CA GLU A 129 19.63 -18.72 16.22
C GLU A 129 18.90 -20.00 16.61
N TYR A 130 18.03 -20.50 15.73
CA TYR A 130 17.33 -21.74 16.02
C TYR A 130 18.23 -22.89 15.57
N ASP A 131 18.85 -23.58 16.52
CA ASP A 131 19.74 -24.68 16.20
C ASP A 131 19.52 -25.97 17.01
N ASP A 132 18.33 -26.10 17.60
CA ASP A 132 17.99 -27.27 18.39
C ASP A 132 18.21 -28.60 17.66
N LEU A 133 17.95 -28.63 16.35
CA LEU A 133 18.09 -29.87 15.60
C LEU A 133 19.42 -30.12 14.90
N LYS A 134 20.45 -29.35 15.23
CA LYS A 134 21.77 -29.51 14.61
C LYS A 134 22.82 -30.02 15.59
N GLN A 135 23.76 -30.83 15.09
CA GLN A 135 24.84 -31.36 15.91
C GLN A 135 25.90 -30.30 16.11
N LYS A 136 26.11 -29.47 15.09
CA LYS A 136 27.11 -28.43 15.15
C LYS A 136 26.47 -27.08 15.39
N ARG A 137 26.86 -26.45 16.50
CA ARG A 137 26.29 -25.18 16.88
C ARG A 137 27.34 -24.17 17.30
N LYS A 138 27.03 -22.88 17.13
CA LYS A 138 27.94 -21.82 17.53
C LYS A 138 27.97 -21.81 19.06
N VAL A 139 28.97 -21.16 19.63
CA VAL A 139 29.11 -21.06 21.08
C VAL A 139 27.94 -20.26 21.66
N VAL A 140 27.39 -20.71 22.78
CA VAL A 140 26.29 -19.99 23.42
C VAL A 140 26.86 -18.75 24.11
N VAL A 141 26.36 -17.57 23.73
CA VAL A 141 26.86 -16.33 24.32
C VAL A 141 25.92 -15.73 25.36
N SER A 142 26.49 -15.35 26.50
CA SER A 142 25.71 -14.73 27.56
C SER A 142 26.03 -13.23 27.57
N ALA A 143 25.09 -12.43 27.05
CA ALA A 143 25.21 -10.97 26.99
C ALA A 143 24.60 -10.30 28.24
N LYS A 144 25.33 -9.34 28.81
CA LYS A 144 24.86 -8.60 29.99
C LYS A 144 25.22 -7.12 29.90
N LEU A 145 24.49 -6.27 30.62
CA LEU A 145 24.76 -4.85 30.65
C LEU A 145 26.17 -4.52 31.18
N HIS A 146 26.87 -3.59 30.53
CA HIS A 146 28.17 -3.13 30.99
C HIS A 146 27.84 -1.97 31.94
N GLY A 147 28.16 -2.15 33.22
CA GLY A 147 27.86 -1.12 34.20
C GLY A 147 26.66 -1.53 35.04
N SER A 148 26.26 -0.66 35.95
CA SER A 148 25.15 -0.94 36.85
C SER A 148 24.09 0.14 36.94
N GLU A 149 24.14 1.12 36.04
CA GLU A 149 23.20 2.25 36.06
C GLU A 149 21.88 2.15 35.29
N ASP A 150 21.79 1.30 34.28
CA ASP A 150 20.56 1.24 33.50
C ASP A 150 19.93 -0.14 33.51
N GLN A 151 19.89 -0.76 34.68
CA GLN A 151 19.37 -2.12 34.80
C GLN A 151 17.92 -2.34 34.34
N GLU A 152 17.01 -1.47 34.77
CA GLU A 152 15.61 -1.63 34.38
C GLU A 152 15.43 -1.55 32.87
N ALA A 153 16.05 -0.55 32.25
CA ALA A 153 15.95 -0.35 30.80
C ALA A 153 16.53 -1.54 30.06
N TRP A 154 17.70 -2.02 30.52
CA TRP A 154 18.32 -3.17 29.87
C TRP A 154 17.39 -4.39 29.90
N GLN A 155 16.86 -4.70 31.08
CA GLN A 155 15.97 -5.85 31.23
C GLN A 155 14.67 -5.71 30.42
N ARG A 156 14.21 -4.48 30.23
CA ARG A 156 13.00 -4.25 29.45
C ARG A 156 13.28 -4.67 28.01
N GLY A 157 14.50 -4.36 27.53
CA GLY A 157 14.90 -4.73 26.18
C GLY A 157 15.02 -6.24 26.03
N VAL A 158 15.56 -6.89 27.06
CA VAL A 158 15.70 -8.35 27.04
C VAL A 158 14.29 -8.96 26.95
N LEU A 159 13.35 -8.41 27.72
CA LEU A 159 11.98 -8.92 27.73
C LEU A 159 11.30 -8.76 26.35
N PHE A 160 11.37 -7.55 25.77
CA PHE A 160 10.76 -7.32 24.45
C PHE A 160 11.37 -8.24 23.39
N ALA A 161 12.71 -8.32 23.37
CA ALA A 161 13.41 -9.17 22.40
C ALA A 161 13.10 -10.66 22.60
N SER A 162 13.01 -11.09 23.85
CA SER A 162 12.69 -12.48 24.17
C SER A 162 11.30 -12.86 23.65
N GLY A 163 10.36 -11.91 23.70
CA GLY A 163 9.02 -12.14 23.20
C GLY A 163 9.11 -12.39 21.69
N GLN A 164 9.88 -11.54 21.00
CA GLN A 164 10.05 -11.73 19.56
C GLN A 164 10.76 -13.06 19.25
N ASN A 165 11.78 -13.42 20.04
CA ASN A 165 12.49 -14.67 19.83
C ASN A 165 11.61 -15.91 20.04
N LEU A 166 10.64 -15.83 20.95
CA LEU A 166 9.73 -16.96 21.14
C LEU A 166 8.93 -17.13 19.83
N ALA A 167 8.47 -16.00 19.28
CA ALA A 167 7.73 -16.01 18.04
C ALA A 167 8.55 -16.62 16.92
N ARG A 168 9.83 -16.24 16.86
CA ARG A 168 10.74 -16.76 15.84
C ARG A 168 10.93 -18.27 15.99
N ARG A 169 11.08 -18.73 17.22
CA ARG A 169 11.25 -20.16 17.48
C ARG A 169 10.03 -20.94 16.95
N LEU A 170 8.84 -20.45 17.32
CA LEU A 170 7.61 -21.11 16.90
C LEU A 170 7.45 -21.15 15.39
N MET A 171 7.84 -20.08 14.72
CA MET A 171 7.73 -20.01 13.27
C MET A 171 8.75 -20.91 12.55
N GLU A 172 9.99 -20.90 13.03
CA GLU A 172 11.09 -21.66 12.43
C GLU A 172 11.00 -23.18 12.56
N THR A 173 10.51 -23.65 13.71
CA THR A 173 10.43 -25.08 13.97
C THR A 173 9.65 -25.83 12.87
N PRO A 174 10.21 -26.95 12.36
CA PRO A 174 9.53 -27.73 11.31
C PRO A 174 8.10 -28.14 11.74
N ALA A 175 7.17 -28.14 10.79
CA ALA A 175 5.76 -28.49 11.04
C ALA A 175 5.50 -29.87 11.65
N ASN A 176 6.37 -30.85 11.40
CA ASN A 176 6.17 -32.17 12.01
C ASN A 176 6.41 -32.15 13.53
N GLU A 177 7.15 -31.15 13.99
CA GLU A 177 7.36 -31.00 15.43
C GLU A 177 6.35 -29.98 15.96
N MET A 178 6.21 -28.86 15.24
CA MET A 178 5.30 -27.78 15.62
C MET A 178 3.88 -27.99 15.08
N THR A 179 3.19 -28.96 15.66
CA THR A 179 1.82 -29.28 15.27
C THR A 179 0.88 -28.34 16.03
N PRO A 180 -0.44 -28.37 15.72
CA PRO A 180 -1.39 -27.49 16.42
C PRO A 180 -1.31 -27.73 17.94
N THR A 181 -1.32 -29.00 18.33
CA THR A 181 -1.23 -29.40 19.73
C THR A 181 0.09 -28.94 20.39
N LYS A 182 1.21 -29.13 19.70
CA LYS A 182 2.51 -28.72 20.26
C LYS A 182 2.58 -27.20 20.42
N PHE A 183 2.08 -26.47 19.42
CA PHE A 183 2.10 -25.02 19.49
C PHE A 183 1.32 -24.56 20.73
N ALA A 184 0.13 -25.14 20.90
CA ALA A 184 -0.74 -24.80 22.02
C ALA A 184 -0.07 -25.09 23.36
N GLU A 185 0.62 -26.22 23.45
CA GLU A 185 1.30 -26.59 24.70
C GLU A 185 2.48 -25.68 25.02
N ILE A 186 3.22 -25.27 24.00
CA ILE A 186 4.36 -24.38 24.22
C ILE A 186 3.88 -23.00 24.66
N VAL A 187 2.82 -22.48 24.02
CA VAL A 187 2.29 -21.17 24.40
C VAL A 187 1.76 -21.27 25.83
N GLU A 188 1.07 -22.38 26.13
CA GLU A 188 0.53 -22.60 27.47
C GLU A 188 1.61 -22.51 28.56
N GLU A 189 2.71 -23.23 28.39
CA GLU A 189 3.78 -23.22 29.39
C GLU A 189 4.45 -21.84 29.55
N ASN A 190 4.63 -21.13 28.45
CA ASN A 190 5.24 -19.80 28.53
C ASN A 190 4.34 -18.78 29.24
N LEU A 191 3.05 -18.80 28.91
CA LEU A 191 2.12 -17.86 29.54
C LEU A 191 2.02 -18.11 31.05
N LYS A 192 1.93 -19.39 31.44
CA LYS A 192 1.83 -19.75 32.86
C LYS A 192 3.11 -19.38 33.61
N SER A 193 4.26 -19.50 32.96
CA SER A 193 5.53 -19.13 33.58
C SER A 193 5.64 -17.60 33.72
N ALA A 194 4.91 -16.88 32.88
CA ALA A 194 4.91 -15.42 32.89
C ALA A 194 4.08 -14.82 34.03
N SER A 195 2.95 -15.43 34.35
CA SER A 195 2.07 -14.89 35.39
C SER A 195 1.05 -15.94 35.85
N ILE A 196 0.69 -15.88 37.14
CA ILE A 196 -0.30 -16.81 37.66
C ILE A 196 -1.72 -16.31 37.36
N LYS A 197 -1.85 -15.07 36.87
CA LYS A 197 -3.16 -14.50 36.58
C LYS A 197 -3.54 -14.80 35.13
N THR A 198 -3.45 -16.07 34.79
CA THR A 198 -3.71 -16.54 33.43
C THR A 198 -4.57 -17.79 33.40
N ASP A 199 -5.27 -17.98 32.28
CA ASP A 199 -6.10 -19.15 32.06
C ASP A 199 -5.87 -19.55 30.60
N VAL A 200 -5.75 -20.85 30.35
CA VAL A 200 -5.52 -21.34 29.00
C VAL A 200 -6.47 -22.51 28.75
N PHE A 201 -7.10 -22.53 27.57
CA PHE A 201 -8.00 -23.61 27.20
C PHE A 201 -7.62 -24.09 25.79
N ILE A 202 -7.10 -25.30 25.68
CA ILE A 202 -6.74 -25.84 24.37
C ILE A 202 -8.01 -26.59 23.90
N ARG A 203 -8.90 -25.88 23.22
CA ARG A 203 -10.18 -26.44 22.78
C ARG A 203 -10.04 -27.52 21.72
N PRO A 204 -10.62 -28.71 21.96
CA PRO A 204 -10.55 -29.83 21.01
C PRO A 204 -11.59 -29.76 19.88
N LYS A 205 -11.42 -30.61 18.86
CA LYS A 205 -12.35 -30.67 17.73
C LYS A 205 -13.84 -30.73 18.16
N SER A 206 -14.15 -31.44 19.24
CA SER A 206 -15.52 -31.54 19.71
C SER A 206 -16.10 -30.16 20.08
N TRP A 207 -15.27 -29.31 20.69
CA TRP A 207 -15.69 -27.95 21.06
C TRP A 207 -15.89 -27.12 19.79
N ILE A 208 -14.95 -27.26 18.85
CA ILE A 208 -15.01 -26.53 17.58
C ILE A 208 -16.34 -26.85 16.87
N GLU A 209 -16.74 -28.12 16.95
CA GLU A 209 -18.00 -28.57 16.35
C GLU A 209 -19.21 -27.96 17.07
N GLU A 210 -19.18 -27.97 18.40
CA GLU A 210 -20.25 -27.40 19.19
C GLU A 210 -20.40 -25.91 18.89
N GLN A 211 -19.28 -25.24 18.63
CA GLN A 211 -19.28 -23.83 18.32
C GLN A 211 -19.71 -23.53 16.88
N GLU A 212 -20.03 -24.58 16.12
CA GLU A 212 -20.47 -24.46 14.74
C GLU A 212 -19.49 -23.71 13.82
N MET A 213 -18.21 -23.94 14.05
CA MET A 213 -17.16 -23.31 13.26
C MET A 213 -16.89 -24.14 11.99
N GLY A 214 -17.91 -24.17 11.12
CA GLY A 214 -17.82 -24.95 9.89
C GLY A 214 -16.76 -24.55 8.89
N SER A 215 -16.44 -23.26 8.83
CA SER A 215 -15.42 -22.76 7.91
C SER A 215 -14.03 -23.28 8.33
N PHE A 216 -13.72 -23.15 9.61
CA PHE A 216 -12.47 -23.61 10.20
C PHE A 216 -12.37 -25.13 10.02
N LEU A 217 -13.44 -25.84 10.39
CA LEU A 217 -13.43 -27.30 10.25
C LEU A 217 -13.19 -27.79 8.82
N SER A 218 -13.68 -27.05 7.83
CA SER A 218 -13.51 -27.49 6.45
C SER A 218 -12.03 -27.53 6.03
N VAL A 219 -11.24 -26.59 6.55
CA VAL A 219 -9.82 -26.54 6.24
C VAL A 219 -9.08 -27.70 6.92
N ALA A 220 -9.40 -27.92 8.20
CA ALA A 220 -8.75 -28.95 9.00
C ALA A 220 -8.93 -30.41 8.59
N LYS A 221 -10.10 -30.75 8.05
CA LYS A 221 -10.41 -32.14 7.69
C LYS A 221 -9.50 -32.88 6.71
N GLY A 222 -8.83 -32.14 5.82
CA GLY A 222 -7.96 -32.78 4.86
C GLY A 222 -6.74 -33.49 5.47
N SER A 223 -6.32 -33.03 6.65
CA SER A 223 -5.17 -33.60 7.31
C SER A 223 -5.54 -34.59 8.43
N GLU A 224 -4.60 -35.46 8.77
CA GLU A 224 -4.78 -36.44 9.83
C GLU A 224 -4.46 -35.79 11.20
N GLU A 225 -3.75 -34.65 11.14
CA GLU A 225 -3.34 -33.94 12.35
C GLU A 225 -4.54 -33.26 13.01
N PRO A 226 -4.84 -33.60 14.27
CA PRO A 226 -5.97 -32.99 14.96
C PRO A 226 -5.89 -31.47 15.11
N PRO A 227 -7.02 -30.78 14.87
CA PRO A 227 -7.03 -29.32 15.00
C PRO A 227 -7.40 -28.94 16.43
N VAL A 228 -7.04 -27.72 16.84
CA VAL A 228 -7.39 -27.22 18.18
C VAL A 228 -7.64 -25.71 18.08
N PHE A 229 -8.41 -25.18 19.02
CA PHE A 229 -8.69 -23.75 19.05
C PHE A 229 -8.09 -23.26 20.36
N LEU A 230 -6.97 -22.55 20.26
CA LEU A 230 -6.32 -22.04 21.47
C LEU A 230 -6.96 -20.75 21.98
N GLU A 231 -7.36 -20.77 23.26
CA GLU A 231 -7.97 -19.60 23.90
C GLU A 231 -7.20 -19.28 25.19
N ILE A 232 -6.61 -18.10 25.26
CA ILE A 232 -5.83 -17.68 26.42
C ILE A 232 -6.35 -16.38 27.01
N HIS A 233 -6.32 -16.29 28.34
CA HIS A 233 -6.79 -15.11 29.07
C HIS A 233 -5.70 -14.60 30.00
N TYR A 234 -5.46 -13.29 29.97
CA TYR A 234 -4.50 -12.67 30.89
C TYR A 234 -5.34 -11.67 31.68
N LYS A 235 -5.52 -11.94 32.97
CA LYS A 235 -6.35 -11.07 33.81
C LYS A 235 -5.55 -10.01 34.56
N GLY A 236 -5.02 -9.03 33.82
CA GLY A 236 -4.22 -7.99 34.43
C GLY A 236 -4.92 -6.76 35.00
N SER A 237 -6.15 -6.48 34.62
CA SER A 237 -6.83 -5.30 35.14
C SER A 237 -7.19 -5.45 36.63
N PRO A 238 -7.17 -4.32 37.38
CA PRO A 238 -7.52 -4.33 38.81
C PRO A 238 -9.00 -4.74 38.89
N ASN A 239 -9.75 -4.30 37.89
CA ASN A 239 -11.18 -4.58 37.77
C ASN A 239 -11.42 -5.82 36.90
N ALA A 240 -11.88 -6.91 37.52
CA ALA A 240 -12.13 -8.14 36.78
C ALA A 240 -13.12 -8.01 35.63
N SER A 241 -14.11 -7.13 35.78
CA SER A 241 -15.13 -6.94 34.75
C SER A 241 -14.73 -6.00 33.62
N GLU A 242 -13.54 -5.40 33.69
CA GLU A 242 -13.12 -4.50 32.64
C GLU A 242 -13.08 -5.25 31.30
N PRO A 243 -13.75 -4.71 30.25
CA PRO A 243 -13.77 -5.36 28.93
C PRO A 243 -12.32 -5.59 28.46
N PRO A 244 -12.05 -6.77 27.88
CA PRO A 244 -10.71 -7.10 27.41
C PRO A 244 -10.39 -6.62 26.00
N LEU A 245 -9.11 -6.62 25.67
CA LEU A 245 -8.68 -6.30 24.32
C LEU A 245 -8.55 -7.73 23.77
N VAL A 246 -8.96 -7.96 22.54
CA VAL A 246 -8.89 -9.31 21.96
C VAL A 246 -7.95 -9.38 20.77
N PHE A 247 -7.07 -10.38 20.80
CA PHE A 247 -6.12 -10.63 19.72
C PHE A 247 -6.49 -11.96 19.07
N VAL A 248 -6.43 -12.01 17.74
CA VAL A 248 -6.74 -13.22 16.97
C VAL A 248 -5.55 -13.50 16.02
N GLY A 249 -5.15 -14.77 15.90
CA GLY A 249 -4.04 -15.10 15.01
C GLY A 249 -4.24 -16.34 14.14
N LYS A 250 -3.89 -16.26 12.86
CA LYS A 250 -4.00 -17.39 11.91
C LYS A 250 -2.96 -18.47 12.29
N GLY A 251 -3.43 -19.67 12.63
CA GLY A 251 -2.53 -20.76 13.01
C GLY A 251 -2.41 -21.96 12.07
N ILE A 252 -2.12 -21.71 10.80
CA ILE A 252 -1.96 -22.85 9.85
C ILE A 252 -0.52 -23.37 10.06
N THR A 253 -0.38 -24.50 10.75
CA THR A 253 0.94 -25.06 11.06
C THR A 253 1.74 -25.47 9.83
N PHE A 254 1.02 -25.83 8.77
CA PHE A 254 1.62 -26.10 7.47
C PHE A 254 0.59 -25.91 6.37
N ASP A 255 0.94 -25.12 5.36
CA ASP A 255 0.03 -24.85 4.25
C ASP A 255 0.55 -25.43 2.93
N SER A 256 -0.04 -26.55 2.51
CA SER A 256 0.34 -27.19 1.25
C SER A 256 -0.57 -26.66 0.12
N GLY A 257 -1.63 -25.95 0.50
CA GLY A 257 -2.58 -25.43 -0.47
C GLY A 257 -3.81 -26.35 -0.58
N GLY A 258 -3.64 -27.61 -0.21
CA GLY A 258 -4.75 -28.58 -0.30
C GLY A 258 -4.93 -29.04 -1.73
N ILE A 259 -6.18 -29.25 -2.14
CA ILE A 259 -6.51 -29.68 -3.51
C ILE A 259 -5.98 -28.64 -4.51
N SER A 260 -6.06 -27.36 -4.16
CA SER A 260 -5.52 -26.27 -4.99
C SER A 260 -4.03 -26.19 -4.54
N ILE A 261 -3.31 -27.28 -4.78
CA ILE A 261 -1.92 -27.44 -4.35
C ILE A 261 -0.88 -26.40 -4.79
N LYS A 262 0.01 -26.06 -3.86
CA LYS A 262 1.07 -25.08 -4.12
C LYS A 262 2.17 -25.70 -4.97
N ALA A 263 2.99 -24.83 -5.56
CA ALA A 263 4.15 -25.25 -6.34
C ALA A 263 5.22 -25.69 -5.32
N ALA A 264 6.18 -26.50 -5.76
CA ALA A 264 7.21 -27.01 -4.87
C ALA A 264 8.23 -26.02 -4.34
N ALA A 265 8.73 -25.14 -5.21
CA ALA A 265 9.74 -24.16 -4.87
C ALA A 265 9.47 -23.37 -3.59
N ASN A 266 10.37 -23.53 -2.63
CA ASN A 266 10.29 -22.85 -1.33
C ASN A 266 9.02 -23.11 -0.51
N MET A 267 8.34 -24.23 -0.77
CA MET A 267 7.12 -24.52 0.00
C MET A 267 7.44 -24.77 1.47
N ASP A 268 8.69 -25.09 1.77
CA ASP A 268 9.10 -25.35 3.16
C ASP A 268 8.80 -24.15 4.07
N LEU A 269 8.81 -22.93 3.51
CA LEU A 269 8.57 -21.72 4.30
C LEU A 269 7.15 -21.68 4.88
N MET A 270 6.25 -22.52 4.33
CA MET A 270 4.87 -22.57 4.79
C MET A 270 4.73 -23.18 6.19
N ARG A 271 5.84 -23.61 6.79
CA ARG A 271 5.82 -24.11 8.18
C ARG A 271 5.57 -22.87 9.07
N ALA A 272 5.78 -21.68 8.50
CA ALA A 272 5.58 -20.42 9.21
C ALA A 272 4.22 -19.78 8.93
N ASP A 273 3.29 -20.56 8.39
CA ASP A 273 1.94 -20.03 8.11
C ASP A 273 1.09 -19.87 9.38
N MET A 274 1.74 -20.11 10.53
CA MET A 274 1.13 -19.94 11.84
C MET A 274 1.76 -18.71 12.52
N GLY A 275 2.45 -17.87 11.72
CA GLY A 275 3.09 -16.67 12.25
C GLY A 275 2.16 -15.68 12.94
N GLY A 276 0.93 -15.53 12.44
CA GLY A 276 -0.02 -14.63 13.08
C GLY A 276 -0.32 -15.09 14.50
N ALA A 277 -0.53 -16.40 14.66
CA ALA A 277 -0.76 -16.98 15.98
C ALA A 277 0.49 -16.78 16.85
N ALA A 278 1.67 -17.02 16.27
CA ALA A 278 2.92 -16.89 17.01
C ALA A 278 3.14 -15.49 17.57
N THR A 279 2.95 -14.47 16.73
CA THR A 279 3.16 -13.10 17.16
C THR A 279 2.17 -12.60 18.21
N ILE A 280 0.88 -12.87 18.01
CA ILE A 280 -0.11 -12.41 19.00
C ILE A 280 0.01 -13.13 20.34
N CYS A 281 0.28 -14.43 20.31
CA CYS A 281 0.43 -15.19 21.56
C CYS A 281 1.69 -14.74 22.32
N SER A 282 2.78 -14.52 21.58
CA SER A 282 4.03 -14.08 22.19
C SER A 282 3.88 -12.69 22.81
N ALA A 283 3.15 -11.80 22.13
CA ALA A 283 2.93 -10.45 22.67
C ALA A 283 2.18 -10.53 24.02
N ILE A 284 1.22 -11.44 24.09
CA ILE A 284 0.44 -11.63 25.33
C ILE A 284 1.32 -12.19 26.46
N VAL A 285 2.18 -13.16 26.13
CA VAL A 285 3.10 -13.71 27.12
C VAL A 285 3.96 -12.56 27.70
N SER A 286 4.51 -11.71 26.83
CA SER A 286 5.32 -10.58 27.28
C SER A 286 4.54 -9.57 28.11
N ALA A 287 3.29 -9.28 27.71
CA ALA A 287 2.45 -8.35 28.48
C ALA A 287 2.23 -8.92 29.88
N ALA A 288 2.04 -10.24 29.96
CA ALA A 288 1.84 -10.90 31.25
C ALA A 288 3.12 -10.81 32.10
N LYS A 289 4.29 -11.02 31.48
CA LYS A 289 5.57 -10.91 32.19
C LYS A 289 5.75 -9.51 32.77
N LEU A 290 5.36 -8.49 32.02
CA LEU A 290 5.45 -7.09 32.45
C LEU A 290 4.37 -6.72 33.46
N ASP A 291 3.38 -7.59 33.60
CA ASP A 291 2.25 -7.37 34.50
C ASP A 291 1.47 -6.08 34.15
N LEU A 292 1.24 -5.86 32.87
CA LEU A 292 0.49 -4.67 32.45
C LEU A 292 -0.90 -4.75 33.08
N PRO A 293 -1.43 -3.62 33.58
CA PRO A 293 -2.75 -3.58 34.22
C PRO A 293 -3.96 -3.60 33.26
N ILE A 294 -4.05 -4.63 32.43
CA ILE A 294 -5.15 -4.76 31.46
C ILE A 294 -5.58 -6.21 31.26
N ASN A 295 -6.82 -6.41 30.82
CA ASN A 295 -7.35 -7.74 30.55
C ASN A 295 -7.17 -8.00 29.05
N ILE A 296 -6.62 -9.16 28.69
CA ILE A 296 -6.38 -9.49 27.29
C ILE A 296 -6.81 -10.92 27.01
N VAL A 297 -7.40 -11.14 25.84
CA VAL A 297 -7.81 -12.47 25.41
C VAL A 297 -7.12 -12.74 24.06
N GLY A 298 -6.55 -13.94 23.93
CA GLY A 298 -5.88 -14.35 22.70
C GLY A 298 -6.62 -15.55 22.11
N LEU A 299 -6.84 -15.54 20.79
CA LEU A 299 -7.56 -16.62 20.11
C LEU A 299 -6.78 -17.08 18.88
N ALA A 300 -6.54 -18.38 18.78
CA ALA A 300 -5.79 -18.90 17.64
C ALA A 300 -6.25 -20.25 17.10
N PRO A 301 -7.00 -20.23 15.98
CA PRO A 301 -7.47 -21.49 15.39
C PRO A 301 -6.22 -22.13 14.76
N LEU A 302 -5.96 -23.39 15.08
CA LEU A 302 -4.79 -24.08 14.58
C LEU A 302 -5.07 -25.42 13.87
N CYS A 303 -4.49 -25.58 12.68
CA CYS A 303 -4.67 -26.82 11.89
C CYS A 303 -3.72 -26.82 10.68
N GLU A 304 -3.67 -27.93 9.96
CA GLU A 304 -2.86 -28.04 8.74
C GLU A 304 -3.80 -27.94 7.53
N ASN A 305 -3.25 -27.60 6.37
CA ASN A 305 -4.04 -27.53 5.13
C ASN A 305 -3.36 -28.53 4.19
N MET A 306 -3.95 -29.73 4.10
CA MET A 306 -3.39 -30.84 3.32
C MET A 306 -4.35 -31.48 2.29
N PRO A 307 -3.81 -32.11 1.23
CA PRO A 307 -4.65 -32.76 0.22
C PRO A 307 -4.89 -34.22 0.63
N SER A 308 -6.10 -34.74 0.39
CA SER A 308 -6.43 -36.12 0.73
C SER A 308 -7.80 -36.46 0.16
N GLY A 309 -8.28 -37.67 0.46
CA GLY A 309 -9.57 -38.12 -0.02
C GLY A 309 -10.77 -37.51 0.70
N LYS A 310 -10.51 -36.66 1.69
CA LYS A 310 -11.58 -36.02 2.43
C LYS A 310 -11.40 -34.50 2.55
N ALA A 311 -10.45 -33.96 1.81
CA ALA A 311 -10.17 -32.52 1.84
C ALA A 311 -11.20 -31.61 1.15
N ASN A 312 -11.13 -30.32 1.47
CA ASN A 312 -11.99 -29.30 0.88
C ASN A 312 -11.81 -29.43 -0.64
N LYS A 313 -12.90 -29.29 -1.40
CA LYS A 313 -12.86 -29.37 -2.87
C LYS A 313 -13.27 -28.00 -3.44
N PRO A 314 -12.57 -27.50 -4.47
CA PRO A 314 -12.95 -26.20 -5.05
C PRO A 314 -14.45 -26.21 -5.41
N GLY A 315 -15.16 -25.14 -5.05
CA GLY A 315 -16.59 -25.06 -5.32
C GLY A 315 -17.46 -25.41 -4.12
N ASP A 316 -16.88 -26.10 -3.14
CA ASP A 316 -17.63 -26.50 -1.94
C ASP A 316 -18.15 -25.26 -1.20
N VAL A 317 -19.33 -25.36 -0.59
CA VAL A 317 -19.89 -24.25 0.17
C VAL A 317 -19.95 -24.64 1.65
N VAL A 318 -19.38 -23.80 2.50
CA VAL A 318 -19.36 -24.06 3.94
C VAL A 318 -20.06 -22.94 4.70
N ARG A 319 -20.51 -23.27 5.91
CA ARG A 319 -21.23 -22.32 6.74
C ARG A 319 -20.41 -21.87 7.96
N ALA A 320 -20.19 -20.56 8.06
CA ALA A 320 -19.44 -19.99 9.17
C ALA A 320 -20.32 -19.95 10.44
N ARG A 321 -19.67 -19.69 11.58
CA ARG A 321 -20.34 -19.62 12.89
C ARG A 321 -21.52 -18.63 12.88
N ASN A 322 -21.37 -17.52 12.16
CA ASN A 322 -22.44 -16.52 12.10
C ASN A 322 -23.56 -16.82 11.11
N GLY A 323 -23.52 -17.99 10.47
CA GLY A 323 -24.54 -18.38 9.52
C GLY A 323 -24.28 -18.03 8.05
N LYS A 324 -23.27 -17.21 7.79
CA LYS A 324 -22.95 -16.84 6.41
C LYS A 324 -22.33 -18.00 5.65
N THR A 325 -22.72 -18.16 4.40
CA THR A 325 -22.19 -19.23 3.55
C THR A 325 -21.01 -18.69 2.74
N ILE A 326 -20.01 -19.55 2.56
CA ILE A 326 -18.79 -19.19 1.83
C ILE A 326 -18.53 -20.21 0.72
N GLN A 327 -18.27 -19.71 -0.48
CA GLN A 327 -17.94 -20.56 -1.63
C GLN A 327 -16.43 -20.66 -1.67
N VAL A 328 -15.93 -21.88 -1.49
CA VAL A 328 -14.49 -22.15 -1.48
C VAL A 328 -13.97 -22.44 -2.88
N ASP A 329 -13.74 -21.38 -3.65
CA ASP A 329 -13.25 -21.53 -5.02
C ASP A 329 -11.79 -21.97 -5.10
N ASN A 330 -11.00 -21.61 -4.09
CA ASN A 330 -9.58 -21.98 -4.07
C ASN A 330 -9.26 -22.43 -2.64
N THR A 331 -8.92 -23.72 -2.48
CA THR A 331 -8.64 -24.29 -1.15
C THR A 331 -7.40 -23.72 -0.47
N ASP A 332 -6.54 -23.05 -1.25
CA ASP A 332 -5.31 -22.44 -0.75
C ASP A 332 -5.55 -21.03 -0.16
N ALA A 333 -6.77 -20.54 -0.24
CA ALA A 333 -7.10 -19.24 0.36
C ALA A 333 -7.76 -19.69 1.68
N GLU A 334 -7.01 -20.47 2.46
CA GLU A 334 -7.53 -21.03 3.69
C GLU A 334 -7.47 -20.16 4.93
N GLY A 335 -6.53 -19.21 4.96
CA GLY A 335 -6.39 -18.35 6.13
C GLY A 335 -7.65 -17.56 6.42
N ARG A 336 -8.26 -17.01 5.39
CA ARG A 336 -9.49 -16.24 5.60
C ARG A 336 -10.65 -17.13 6.06
N LEU A 337 -10.61 -18.41 5.70
CA LEU A 337 -11.66 -19.35 6.12
C LEU A 337 -11.57 -19.62 7.64
N ILE A 338 -10.38 -19.87 8.17
CA ILE A 338 -10.28 -20.13 9.60
C ILE A 338 -10.48 -18.85 10.42
N LEU A 339 -10.07 -17.71 9.86
CA LEU A 339 -10.24 -16.44 10.55
C LEU A 339 -11.70 -15.99 10.63
N ALA A 340 -12.53 -16.38 9.67
CA ALA A 340 -13.94 -16.00 9.69
C ALA A 340 -14.59 -16.47 11.00
N ASP A 341 -14.33 -17.72 11.37
CA ASP A 341 -14.89 -18.27 12.60
C ASP A 341 -14.27 -17.69 13.87
N ALA A 342 -12.95 -17.49 13.87
CA ALA A 342 -12.28 -16.89 15.04
C ALA A 342 -12.76 -15.46 15.28
N LEU A 343 -12.89 -14.67 14.22
CA LEU A 343 -13.36 -13.27 14.35
C LEU A 343 -14.77 -13.22 14.90
N CYS A 344 -15.62 -14.14 14.45
CA CYS A 344 -16.99 -14.23 14.93
C CYS A 344 -16.96 -14.47 16.46
N TYR A 345 -16.21 -15.48 16.89
CA TYR A 345 -16.08 -15.84 18.31
C TYR A 345 -15.52 -14.67 19.15
N ALA A 346 -14.64 -13.87 18.56
CA ALA A 346 -14.04 -12.71 19.26
C ALA A 346 -15.10 -11.72 19.77
N HIS A 347 -16.22 -11.60 19.04
CA HIS A 347 -17.27 -10.66 19.44
C HIS A 347 -17.98 -11.04 20.74
N THR A 348 -17.91 -12.32 21.10
CA THR A 348 -18.59 -12.79 22.31
C THR A 348 -17.99 -12.22 23.60
N PHE A 349 -16.78 -11.70 23.53
CA PHE A 349 -16.12 -11.14 24.71
C PHE A 349 -16.40 -9.66 24.97
N ASN A 350 -17.24 -9.05 24.12
CA ASN A 350 -17.57 -7.62 24.21
C ASN A 350 -16.28 -6.81 24.44
N PRO A 351 -15.28 -7.03 23.58
CA PRO A 351 -13.98 -6.37 23.67
C PRO A 351 -13.91 -4.89 23.37
N LYS A 352 -12.83 -4.27 23.83
CA LYS A 352 -12.56 -2.85 23.60
C LYS A 352 -12.06 -2.68 22.17
N VAL A 353 -11.22 -3.61 21.72
CA VAL A 353 -10.68 -3.62 20.37
C VAL A 353 -10.47 -5.08 19.93
N ILE A 354 -10.41 -5.30 18.63
CA ILE A 354 -10.15 -6.62 18.07
C ILE A 354 -9.01 -6.44 17.08
N ILE A 355 -7.89 -7.11 17.32
CA ILE A 355 -6.75 -7.01 16.41
C ILE A 355 -6.34 -8.43 15.98
N ASN A 356 -6.32 -8.68 14.67
CA ASN A 356 -5.88 -10.00 14.18
C ASN A 356 -4.60 -9.84 13.38
N ALA A 357 -3.82 -10.91 13.32
CA ALA A 357 -2.57 -10.93 12.58
C ALA A 357 -2.53 -12.24 11.79
N ALA A 358 -2.05 -12.16 10.55
CA ALA A 358 -1.98 -13.35 9.70
C ALA A 358 -1.02 -13.21 8.53
N THR A 359 -0.37 -14.33 8.18
CA THR A 359 0.53 -14.40 7.03
C THR A 359 -0.53 -14.69 5.94
N LEU A 360 -1.38 -13.69 5.67
CA LEU A 360 -2.52 -13.88 4.78
C LEU A 360 -2.39 -13.97 3.26
N THR A 361 -1.62 -13.09 2.64
CA THR A 361 -1.54 -13.12 1.18
C THR A 361 -0.17 -12.90 0.55
N GLY A 362 0.09 -13.59 -0.55
CA GLY A 362 1.34 -13.36 -1.26
C GLY A 362 1.28 -11.95 -1.82
N ALA A 363 0.06 -11.47 -2.10
CA ALA A 363 -0.15 -10.12 -2.63
C ALA A 363 0.44 -9.04 -1.72
N MET A 364 0.34 -9.24 -0.41
CA MET A 364 0.90 -8.27 0.54
C MET A 364 2.42 -8.22 0.37
N ASP A 365 3.04 -9.38 0.10
CA ASP A 365 4.48 -9.40 -0.12
C ASP A 365 4.85 -8.64 -1.41
N ILE A 366 4.05 -8.83 -2.45
CA ILE A 366 4.28 -8.13 -3.71
C ILE A 366 4.09 -6.62 -3.50
N ALA A 367 3.18 -6.26 -2.59
CA ALA A 367 2.87 -4.86 -2.30
C ALA A 367 3.95 -4.08 -1.53
N LEU A 368 4.32 -4.58 -0.35
CA LEU A 368 5.30 -3.89 0.50
C LEU A 368 6.54 -4.68 0.92
N GLY A 369 6.58 -5.96 0.54
CA GLY A 369 7.73 -6.78 0.89
C GLY A 369 7.93 -6.84 2.39
N SER A 370 9.19 -6.73 2.84
CA SER A 370 9.49 -6.78 4.27
C SER A 370 9.65 -5.38 4.90
N GLY A 371 9.32 -4.34 4.13
CA GLY A 371 9.45 -2.99 4.63
C GLY A 371 8.52 -2.64 5.78
N ALA A 372 7.30 -3.17 5.76
CA ALA A 372 6.33 -2.89 6.82
C ALA A 372 5.14 -3.85 6.79
N THR A 373 4.51 -4.04 7.95
CA THR A 373 3.32 -4.87 8.04
C THR A 373 2.13 -4.05 7.53
N GLY A 374 1.29 -4.67 6.68
CA GLY A 374 0.11 -3.98 6.17
C GLY A 374 -1.01 -3.97 7.20
N VAL A 375 -1.60 -2.80 7.45
CA VAL A 375 -2.68 -2.70 8.43
C VAL A 375 -3.97 -2.17 7.80
N PHE A 376 -5.04 -2.95 7.91
CA PHE A 376 -6.36 -2.57 7.41
C PHE A 376 -7.20 -2.36 8.66
N THR A 377 -7.75 -1.16 8.85
CA THR A 377 -8.57 -0.88 10.03
C THR A 377 -9.71 0.10 9.77
N ASN A 378 -10.81 -0.08 10.50
CA ASN A 378 -11.97 0.81 10.37
C ASN A 378 -11.92 1.93 11.42
N SER A 379 -10.77 2.04 12.09
CA SER A 379 -10.59 3.05 13.15
C SER A 379 -9.28 3.82 12.98
N SER A 380 -9.37 5.11 12.69
CA SER A 380 -8.16 5.92 12.55
C SER A 380 -7.44 6.07 13.91
N TRP A 381 -8.22 6.03 14.98
CA TRP A 381 -7.66 6.12 16.33
C TRP A 381 -6.73 4.90 16.54
N LEU A 382 -7.24 3.73 16.16
CA LEU A 382 -6.49 2.47 16.28
C LEU A 382 -5.27 2.47 15.37
N TRP A 383 -5.44 2.95 14.13
CA TRP A 383 -4.30 3.03 13.21
C TRP A 383 -3.20 3.89 13.84
N ASN A 384 -3.57 5.05 14.35
CA ASN A 384 -2.58 5.94 14.94
C ASN A 384 -1.83 5.34 16.13
N LYS A 385 -2.52 4.59 16.99
CA LYS A 385 -1.85 3.96 18.14
C LYS A 385 -0.81 2.93 17.66
N LEU A 386 -1.19 2.13 16.66
CA LEU A 386 -0.27 1.13 16.12
C LEU A 386 0.92 1.81 15.44
N PHE A 387 0.63 2.88 14.70
CA PHE A 387 1.66 3.63 13.98
C PHE A 387 2.67 4.23 14.97
N GLU A 388 2.18 4.88 16.01
CA GLU A 388 3.05 5.49 17.00
C GLU A 388 3.92 4.46 17.71
N ALA A 389 3.35 3.30 18.02
CA ALA A 389 4.11 2.24 18.67
C ALA A 389 5.23 1.73 17.76
N SER A 390 4.97 1.65 16.45
CA SER A 390 5.96 1.15 15.49
C SER A 390 7.15 2.09 15.35
N ILE A 391 6.94 3.39 15.55
CA ILE A 391 8.01 4.37 15.44
C ILE A 391 9.05 4.07 16.53
N GLU A 392 8.56 3.76 17.72
CA GLU A 392 9.41 3.43 18.85
C GLU A 392 10.18 2.12 18.67
N THR A 393 9.50 1.07 18.21
CA THR A 393 10.14 -0.23 18.05
C THR A 393 10.99 -0.40 16.80
N GLY A 394 10.69 0.40 15.76
CA GLY A 394 11.41 0.27 14.50
C GLY A 394 10.79 -0.81 13.61
N ASP A 395 9.86 -1.61 14.14
CA ASP A 395 9.20 -2.68 13.37
C ASP A 395 7.92 -2.05 12.81
N ARG A 396 8.10 -1.38 11.67
CA ARG A 396 7.08 -0.59 11.00
C ARG A 396 5.78 -1.18 10.47
N VAL A 397 4.73 -0.33 10.47
CA VAL A 397 3.41 -0.69 9.95
C VAL A 397 3.03 0.33 8.88
N TRP A 398 2.18 -0.06 7.95
CA TRP A 398 1.76 0.84 6.86
C TRP A 398 0.29 0.57 6.57
N ARG A 399 -0.52 1.63 6.51
CA ARG A 399 -1.95 1.48 6.31
C ARG A 399 -2.35 1.08 4.90
N MET A 400 -3.32 0.18 4.81
CA MET A 400 -3.87 -0.31 3.54
C MET A 400 -5.39 -0.06 3.59
N PRO A 401 -6.04 0.23 2.44
CA PRO A 401 -7.48 0.52 2.38
C PRO A 401 -8.56 -0.53 2.61
N LEU A 402 -9.60 -0.11 3.35
CA LEU A 402 -10.78 -0.93 3.60
C LEU A 402 -11.91 -0.20 2.86
N PHE A 403 -12.08 -0.49 1.58
CA PHE A 403 -13.09 0.18 0.75
C PHE A 403 -14.16 -0.81 0.25
N GLU A 404 -15.41 -0.34 0.08
CA GLU A 404 -16.50 -1.18 -0.43
C GLU A 404 -16.14 -1.69 -1.84
N HIS A 405 -15.33 -0.91 -2.55
CA HIS A 405 -14.83 -1.27 -3.89
C HIS A 405 -14.32 -2.73 -3.88
N TYR A 406 -13.62 -3.10 -2.82
CA TYR A 406 -13.07 -4.44 -2.69
C TYR A 406 -14.12 -5.46 -2.23
N THR A 407 -15.00 -5.03 -1.31
CA THR A 407 -16.08 -5.87 -0.78
C THR A 407 -16.96 -6.37 -1.94
N ARG A 408 -17.28 -5.48 -2.86
CA ARG A 408 -18.12 -5.81 -4.00
C ARG A 408 -17.59 -7.02 -4.79
N GLN A 409 -16.27 -7.15 -4.87
CA GLN A 409 -15.66 -8.24 -5.62
C GLN A 409 -15.65 -9.59 -4.92
N VAL A 410 -15.97 -9.61 -3.63
CA VAL A 410 -16.03 -10.87 -2.89
C VAL A 410 -17.48 -11.28 -2.60
N ILE A 411 -18.41 -10.31 -2.57
CA ILE A 411 -19.80 -10.69 -2.34
C ILE A 411 -20.48 -11.07 -3.66
N ASP A 412 -19.82 -10.78 -4.77
CA ASP A 412 -20.31 -11.18 -6.10
C ASP A 412 -19.95 -12.66 -6.07
N CYS A 413 -20.94 -13.51 -5.79
CA CYS A 413 -20.68 -14.94 -5.65
C CYS A 413 -21.77 -15.80 -6.32
N GLN A 414 -21.36 -16.81 -7.08
CA GLN A 414 -22.30 -17.68 -7.78
C GLN A 414 -23.23 -18.52 -6.88
N LEU A 415 -22.66 -19.16 -5.86
CA LEU A 415 -23.41 -20.05 -4.99
C LEU A 415 -23.74 -19.62 -3.57
N ALA A 416 -22.95 -18.72 -3.01
CA ALA A 416 -23.11 -18.37 -1.60
C ALA A 416 -23.09 -16.88 -1.26
N ASP A 417 -23.08 -16.58 0.04
CA ASP A 417 -23.05 -15.19 0.49
C ASP A 417 -21.74 -14.47 0.15
N VAL A 418 -20.61 -15.16 0.29
CA VAL A 418 -19.29 -14.58 -0.01
C VAL A 418 -18.36 -15.64 -0.66
N ASN A 419 -17.49 -15.19 -1.57
CA ASN A 419 -16.54 -16.08 -2.25
C ASN A 419 -15.19 -15.94 -1.57
N ASN A 420 -14.44 -17.03 -1.40
CA ASN A 420 -13.15 -16.94 -0.72
C ASN A 420 -11.98 -16.40 -1.54
N ILE A 421 -12.23 -16.04 -2.80
CA ILE A 421 -11.21 -15.43 -3.66
C ILE A 421 -11.93 -14.37 -4.50
N GLY A 422 -11.24 -13.29 -4.82
CA GLY A 422 -11.89 -12.24 -5.58
C GLY A 422 -12.11 -12.61 -7.04
N LYS A 423 -12.97 -11.85 -7.70
CA LYS A 423 -13.23 -12.12 -9.11
C LYS A 423 -12.03 -11.78 -10.01
N TYR A 424 -10.98 -11.14 -9.46
CA TYR A 424 -9.78 -10.76 -10.21
C TYR A 424 -8.57 -10.94 -9.32
N ARG A 425 -7.40 -10.89 -9.92
CA ARG A 425 -6.15 -11.01 -9.18
C ARG A 425 -5.72 -9.69 -8.55
N SER A 426 -6.18 -8.58 -9.14
CA SER A 426 -5.81 -7.25 -8.64
C SER A 426 -6.17 -7.09 -7.17
N ALA A 427 -5.34 -6.35 -6.44
CA ALA A 427 -5.55 -6.04 -5.02
C ALA A 427 -5.84 -7.23 -4.10
N GLY A 428 -5.09 -8.32 -4.28
CA GLY A 428 -5.29 -9.51 -3.47
C GLY A 428 -5.35 -9.32 -1.97
N ALA A 429 -4.49 -8.46 -1.41
CA ALA A 429 -4.49 -8.24 0.03
C ALA A 429 -5.75 -7.46 0.48
N CYS A 430 -6.21 -6.57 -0.38
CA CYS A 430 -7.39 -5.74 -0.10
C CYS A 430 -8.71 -6.53 -0.17
N THR A 431 -8.82 -7.43 -1.15
CA THR A 431 -10.04 -8.24 -1.24
C THR A 431 -10.03 -9.24 -0.08
N ALA A 432 -8.85 -9.71 0.31
CA ALA A 432 -8.77 -10.65 1.44
C ALA A 432 -9.26 -9.94 2.72
N ALA A 433 -8.85 -8.69 2.89
CA ALA A 433 -9.26 -7.88 4.05
C ALA A 433 -10.77 -7.65 4.00
N ALA A 434 -11.30 -7.39 2.81
CA ALA A 434 -12.74 -7.18 2.62
C ALA A 434 -13.52 -8.44 3.04
N PHE A 435 -12.97 -9.61 2.73
CA PHE A 435 -13.61 -10.88 3.12
C PHE A 435 -13.70 -10.93 4.65
N LEU A 436 -12.59 -10.67 5.34
CA LEU A 436 -12.57 -10.69 6.80
C LEU A 436 -13.60 -9.72 7.39
N LYS A 437 -13.72 -8.54 6.77
CA LYS A 437 -14.66 -7.53 7.25
C LYS A 437 -16.12 -8.00 7.27
N GLU A 438 -16.45 -8.97 6.41
CA GLU A 438 -17.82 -9.49 6.35
C GLU A 438 -18.15 -10.33 7.59
N PHE A 439 -17.15 -10.53 8.45
CA PHE A 439 -17.30 -11.29 9.68
C PHE A 439 -16.99 -10.41 10.89
N VAL A 440 -17.04 -9.10 10.72
CA VAL A 440 -16.74 -8.16 11.79
C VAL A 440 -17.74 -7.00 11.87
N THR A 441 -18.32 -6.78 13.05
CA THR A 441 -19.24 -5.66 13.24
C THR A 441 -18.69 -4.65 14.26
N HIS A 442 -17.56 -4.98 14.88
CA HIS A 442 -16.92 -4.12 15.89
C HIS A 442 -16.38 -2.82 15.30
N PRO A 443 -16.51 -1.69 16.04
CA PRO A 443 -16.05 -0.36 15.61
C PRO A 443 -14.54 -0.10 15.67
N LYS A 444 -13.80 -0.95 16.37
CA LYS A 444 -12.34 -0.79 16.49
C LYS A 444 -11.63 -2.12 16.20
N TRP A 445 -11.57 -2.46 14.92
CA TRP A 445 -10.95 -3.68 14.44
C TRP A 445 -9.78 -3.36 13.49
N ALA A 446 -8.67 -4.09 13.66
CA ALA A 446 -7.50 -3.93 12.80
C ALA A 446 -6.99 -5.30 12.38
N HIS A 447 -6.72 -5.45 11.09
CA HIS A 447 -6.19 -6.68 10.50
C HIS A 447 -4.76 -6.41 10.02
N LEU A 448 -3.82 -7.19 10.52
CA LEU A 448 -2.41 -7.06 10.15
C LEU A 448 -2.01 -8.21 9.22
N ASP A 449 -1.69 -7.89 7.97
CA ASP A 449 -1.25 -8.91 7.02
C ASP A 449 0.29 -8.88 7.13
N ILE A 450 0.85 -9.90 7.77
CA ILE A 450 2.29 -10.01 8.00
C ILE A 450 3.04 -10.94 7.03
N ALA A 451 2.39 -11.34 5.95
CA ALA A 451 3.02 -12.23 4.97
C ALA A 451 4.37 -11.73 4.47
N GLY A 452 4.46 -10.43 4.21
CA GLY A 452 5.71 -9.84 3.72
C GLY A 452 6.86 -9.77 4.71
N VAL A 453 6.54 -9.79 6.00
CA VAL A 453 7.57 -9.72 7.05
C VAL A 453 7.77 -11.08 7.74
N MET A 454 7.34 -12.15 7.09
CA MET A 454 7.48 -13.49 7.64
C MET A 454 8.97 -13.86 7.84
N THR A 455 9.80 -13.49 6.87
CA THR A 455 11.22 -13.83 6.91
C THR A 455 12.15 -12.64 6.81
N ASN A 456 13.43 -12.89 7.11
CA ASN A 456 14.49 -11.90 7.00
C ASN A 456 15.67 -12.55 6.31
N LYS A 457 16.27 -11.79 5.40
CA LYS A 457 17.47 -12.22 4.70
C LYS A 457 18.53 -11.30 5.32
N ASP A 458 18.53 -10.04 4.92
CA ASP A 458 19.48 -9.05 5.46
C ASP A 458 18.84 -7.68 5.70
N GLU A 459 17.55 -7.54 5.39
CA GLU A 459 16.84 -6.26 5.52
C GLU A 459 16.92 -5.61 6.91
N VAL A 460 16.57 -6.37 7.95
CA VAL A 460 16.64 -5.90 9.33
C VAL A 460 18.04 -6.39 9.74
N PRO A 461 19.00 -5.47 9.93
CA PRO A 461 20.38 -5.80 10.29
C PRO A 461 20.59 -6.67 11.52
N TYR A 462 19.74 -6.49 12.51
CA TYR A 462 19.84 -7.22 13.76
C TYR A 462 19.12 -8.58 13.84
N LEU A 463 18.67 -9.10 12.71
CA LEU A 463 18.03 -10.40 12.69
C LEU A 463 18.80 -11.29 11.70
N ARG A 464 19.23 -12.47 12.13
CA ARG A 464 19.94 -13.37 11.21
C ARG A 464 18.94 -13.91 10.18
N LYS A 465 19.44 -14.54 9.12
CA LYS A 465 18.58 -15.11 8.09
C LYS A 465 17.61 -16.16 8.68
N GLY A 466 16.31 -16.00 8.42
CA GLY A 466 15.32 -16.95 8.93
C GLY A 466 13.98 -16.29 9.25
N MET A 467 13.11 -17.01 9.95
CA MET A 467 11.80 -16.47 10.32
C MET A 467 12.04 -15.25 11.22
N ALA A 468 11.27 -14.19 10.98
CA ALA A 468 11.47 -12.94 11.68
C ALA A 468 10.75 -12.64 12.99
N GLY A 469 9.58 -13.23 13.20
CA GLY A 469 8.83 -12.97 14.43
C GLY A 469 8.30 -11.54 14.51
N ARG A 470 8.12 -10.90 13.36
CA ARG A 470 7.62 -9.52 13.28
C ARG A 470 6.09 -9.55 13.13
N PRO A 471 5.37 -8.56 13.70
CA PRO A 471 5.83 -7.39 14.48
C PRO A 471 5.53 -7.54 15.98
N THR A 472 6.03 -8.61 16.58
CA THR A 472 5.78 -8.86 18.00
C THR A 472 6.03 -7.66 18.91
N ARG A 473 7.20 -7.04 18.79
CA ARG A 473 7.53 -5.86 19.64
C ARG A 473 6.57 -4.67 19.49
N THR A 474 6.05 -4.46 18.29
CA THR A 474 5.11 -3.38 18.04
C THR A 474 3.78 -3.65 18.78
N LEU A 475 3.37 -4.92 18.84
CA LEU A 475 2.16 -5.29 19.57
C LEU A 475 2.38 -5.09 21.08
N ILE A 476 3.56 -5.48 21.58
CA ILE A 476 3.88 -5.30 23.01
C ILE A 476 3.86 -3.80 23.37
N GLU A 477 4.50 -2.98 22.53
CA GLU A 477 4.56 -1.55 22.79
C GLU A 477 3.15 -0.96 22.80
N PHE A 478 2.31 -1.38 21.84
CA PHE A 478 0.92 -0.90 21.77
C PHE A 478 0.20 -1.23 23.10
N LEU A 479 0.38 -2.45 23.61
CA LEU A 479 -0.24 -2.86 24.86
C LEU A 479 0.27 -2.06 26.06
N PHE A 480 1.58 -1.84 26.11
CA PHE A 480 2.18 -1.06 27.20
C PHE A 480 1.58 0.35 27.22
N ARG A 481 1.60 1.03 26.07
CA ARG A 481 1.07 2.38 26.00
C ARG A 481 -0.41 2.42 26.32
N PHE A 482 -1.17 1.46 25.81
CA PHE A 482 -2.61 1.40 26.07
C PHE A 482 -2.87 1.30 27.57
N SER A 483 -2.07 0.49 28.27
CA SER A 483 -2.25 0.29 29.70
C SER A 483 -1.91 1.53 30.54
N GLN A 484 -1.18 2.48 29.97
CA GLN A 484 -0.80 3.69 30.69
C GLN A 484 -1.78 4.83 30.43
N THR B 1 -36.20 15.01 -30.96
CA THR B 1 -36.85 14.79 -29.63
C THR B 1 -35.82 15.04 -28.55
N LYS B 2 -36.29 15.22 -27.32
CA LYS B 2 -35.43 15.51 -26.19
C LYS B 2 -35.83 14.66 -24.98
N GLY B 3 -34.83 14.24 -24.21
CA GLY B 3 -35.08 13.46 -23.01
C GLY B 3 -34.79 14.30 -21.78
N LEU B 4 -35.21 13.80 -20.63
CA LEU B 4 -35.02 14.51 -19.37
C LEU B 4 -34.58 13.56 -18.27
N VAL B 5 -33.54 13.95 -17.52
CA VAL B 5 -33.05 13.15 -16.40
C VAL B 5 -33.36 13.94 -15.12
N LEU B 6 -34.10 13.30 -14.20
CA LEU B 6 -34.50 13.91 -12.93
C LEU B 6 -34.11 13.04 -11.75
N GLY B 7 -33.76 13.67 -10.63
CA GLY B 7 -33.37 12.90 -9.47
C GLY B 7 -34.37 12.83 -8.34
N ILE B 8 -34.29 11.76 -7.55
CA ILE B 8 -35.13 11.56 -6.39
C ILE B 8 -34.22 10.95 -5.31
N TYR B 9 -34.38 11.36 -4.07
CA TYR B 9 -33.56 10.86 -2.97
C TYR B 9 -34.21 9.69 -2.28
N SER B 10 -33.44 9.01 -1.42
CA SER B 10 -33.96 7.90 -0.64
C SER B 10 -34.82 8.54 0.47
N LYS B 11 -35.90 7.86 0.86
CA LYS B 11 -36.78 8.39 1.89
C LYS B 11 -36.12 8.41 3.26
N GLU B 12 -36.28 9.52 3.97
CA GLU B 12 -35.73 9.66 5.32
C GLU B 12 -36.78 9.15 6.30
N LYS B 13 -36.33 8.61 7.43
CA LYS B 13 -37.22 8.06 8.47
C LYS B 13 -38.50 8.86 8.74
N GLU B 14 -38.39 10.17 8.92
CA GLU B 14 -39.53 11.03 9.19
C GLU B 14 -40.41 11.32 7.97
N GLU B 15 -39.84 11.19 6.78
CA GLU B 15 -40.58 11.48 5.56
C GLU B 15 -41.63 10.44 5.21
N ASP B 16 -42.72 10.93 4.63
CA ASP B 16 -43.85 10.09 4.22
C ASP B 16 -43.57 9.38 2.89
N GLU B 17 -42.73 9.99 2.06
CA GLU B 17 -42.38 9.42 0.76
C GLU B 17 -41.06 10.02 0.29
N PRO B 18 -40.34 9.33 -0.59
CA PRO B 18 -39.06 9.87 -1.09
C PRO B 18 -39.24 11.22 -1.78
N GLN B 19 -38.35 12.16 -1.49
CA GLN B 19 -38.44 13.50 -2.06
C GLN B 19 -37.65 13.76 -3.34
N PHE B 20 -38.34 14.36 -4.31
CA PHE B 20 -37.70 14.74 -5.57
C PHE B 20 -36.79 15.93 -5.29
N THR B 21 -35.94 16.22 -6.27
CA THR B 21 -35.08 17.40 -6.18
C THR B 21 -36.04 18.57 -6.49
N SER B 22 -35.53 19.78 -6.43
CA SER B 22 -36.31 20.97 -6.76
C SER B 22 -36.86 20.86 -8.19
N ALA B 23 -36.00 20.44 -9.11
CA ALA B 23 -36.38 20.28 -10.53
C ALA B 23 -37.42 19.16 -10.72
N GLY B 24 -37.25 18.06 -9.98
CA GLY B 24 -38.17 16.94 -10.08
C GLY B 24 -39.57 17.36 -9.62
N GLU B 25 -39.63 18.07 -8.49
CA GLU B 25 -40.93 18.52 -7.98
C GLU B 25 -41.57 19.55 -8.92
N ASN B 26 -40.74 20.41 -9.51
CA ASN B 26 -41.27 21.40 -10.45
C ASN B 26 -41.89 20.70 -11.66
N PHE B 27 -41.24 19.65 -12.16
CA PHE B 27 -41.76 18.93 -13.30
C PHE B 27 -43.04 18.22 -12.93
N ASN B 28 -43.08 17.64 -11.73
CA ASN B 28 -44.27 16.94 -11.27
C ASN B 28 -45.48 17.89 -11.26
N LYS B 29 -45.25 19.11 -10.79
CA LYS B 29 -46.30 20.12 -10.73
C LYS B 29 -46.71 20.53 -12.14
N LEU B 30 -45.73 20.65 -13.02
CA LEU B 30 -46.00 21.02 -14.41
C LEU B 30 -46.95 20.01 -15.06
N VAL B 31 -46.79 18.74 -14.71
CA VAL B 31 -47.64 17.68 -15.25
C VAL B 31 -48.78 17.28 -14.31
N SER B 32 -49.24 18.22 -13.48
CA SER B 32 -50.33 17.99 -12.56
C SER B 32 -50.27 16.73 -11.68
N GLY B 33 -49.08 16.41 -11.17
CA GLY B 33 -48.93 15.24 -10.31
C GLY B 33 -48.75 13.88 -11.00
N LYS B 34 -48.71 13.88 -12.33
CA LYS B 34 -48.54 12.61 -13.07
C LYS B 34 -47.23 11.89 -12.81
N LEU B 35 -46.15 12.63 -12.55
CA LEU B 35 -44.86 11.99 -12.29
C LEU B 35 -44.91 11.21 -10.98
N ARG B 36 -45.38 11.84 -9.91
CA ARG B 36 -45.48 11.16 -8.63
C ARG B 36 -46.43 9.96 -8.74
N GLU B 37 -47.55 10.16 -9.45
CA GLU B 37 -48.54 9.11 -9.62
C GLU B 37 -47.97 7.87 -10.33
N ILE B 38 -47.30 8.09 -11.46
CA ILE B 38 -46.72 6.99 -12.21
C ILE B 38 -45.57 6.31 -11.45
N LEU B 39 -44.75 7.08 -10.75
CA LEU B 39 -43.66 6.50 -9.97
C LEU B 39 -44.26 5.58 -8.90
N ASN B 40 -45.34 6.01 -8.26
CA ASN B 40 -46.00 5.21 -7.23
C ASN B 40 -46.53 3.91 -7.84
N ILE B 41 -47.16 4.01 -9.01
CA ILE B 41 -47.73 2.85 -9.70
C ILE B 41 -46.64 1.86 -10.12
N SER B 42 -45.47 2.37 -10.48
CA SER B 42 -44.37 1.53 -10.94
C SER B 42 -43.76 0.60 -9.90
N GLY B 43 -44.10 0.79 -8.63
CA GLY B 43 -43.60 -0.12 -7.62
C GLY B 43 -42.58 0.32 -6.59
N PRO B 44 -41.53 -0.48 -6.36
CA PRO B 44 -40.48 -0.20 -5.38
C PRO B 44 -39.72 1.10 -5.60
N PRO B 45 -39.31 1.74 -4.50
CA PRO B 45 -38.57 3.00 -4.58
C PRO B 45 -37.21 2.85 -5.25
N LEU B 46 -36.75 3.94 -5.87
CA LEU B 46 -35.46 3.97 -6.55
C LEU B 46 -34.30 4.21 -5.60
N LYS B 47 -33.37 3.25 -5.56
CA LYS B 47 -32.18 3.38 -4.71
C LYS B 47 -31.01 4.03 -5.45
N ALA B 48 -29.95 4.38 -4.73
CA ALA B 48 -28.80 5.06 -5.31
C ALA B 48 -28.28 4.40 -6.58
N GLY B 49 -28.18 5.19 -7.65
CA GLY B 49 -27.66 4.69 -8.92
C GLY B 49 -28.61 3.91 -9.81
N LYS B 50 -29.83 3.63 -9.35
CA LYS B 50 -30.81 2.89 -10.15
C LYS B 50 -31.65 3.87 -10.97
N THR B 51 -32.29 3.40 -12.04
CA THR B 51 -33.09 4.29 -12.87
C THR B 51 -34.43 3.65 -13.28
N ARG B 52 -35.38 4.48 -13.72
CA ARG B 52 -36.68 4.02 -14.21
C ARG B 52 -37.16 5.06 -15.24
N THR B 53 -37.72 4.58 -16.36
CA THR B 53 -38.18 5.44 -17.45
C THR B 53 -39.71 5.54 -17.59
N PHE B 54 -40.20 6.77 -17.76
CA PHE B 54 -41.64 7.02 -17.93
C PHE B 54 -41.85 7.77 -19.24
N TYR B 55 -42.77 7.27 -20.06
CA TYR B 55 -43.02 7.86 -21.38
C TYR B 55 -44.29 8.71 -21.48
N GLY B 56 -44.24 9.68 -22.40
CA GLY B 56 -45.38 10.55 -22.67
C GLY B 56 -45.93 11.44 -21.60
N LEU B 57 -45.13 11.78 -20.59
CA LEU B 57 -45.59 12.63 -19.51
C LEU B 57 -45.83 14.07 -19.95
N HIS B 58 -45.02 14.52 -20.91
CA HIS B 58 -45.12 15.88 -21.42
C HIS B 58 -44.73 15.87 -22.91
N GLU B 59 -45.38 16.73 -23.69
CA GLU B 59 -45.12 16.82 -25.13
C GLU B 59 -43.66 17.10 -25.49
N ASP B 60 -42.98 17.91 -24.68
CA ASP B 60 -41.58 18.23 -24.96
C ASP B 60 -40.58 17.20 -24.46
N PHE B 61 -41.01 16.27 -23.62
CA PHE B 61 -40.13 15.24 -23.08
C PHE B 61 -40.77 13.87 -23.18
N PRO B 62 -40.76 13.26 -24.38
CA PRO B 62 -41.37 11.93 -24.57
C PRO B 62 -40.78 10.83 -23.66
N SER B 63 -39.55 11.00 -23.20
CA SER B 63 -38.91 10.04 -22.30
C SER B 63 -38.29 10.78 -21.13
N VAL B 64 -38.71 10.40 -19.92
CA VAL B 64 -38.20 10.99 -18.69
C VAL B 64 -37.60 9.87 -17.86
N VAL B 65 -36.32 10.01 -17.51
CA VAL B 65 -35.64 9.00 -16.70
C VAL B 65 -35.39 9.54 -15.29
N VAL B 66 -36.00 8.90 -14.30
CA VAL B 66 -35.83 9.29 -12.90
C VAL B 66 -34.67 8.42 -12.33
N VAL B 67 -33.73 9.07 -11.64
CA VAL B 67 -32.55 8.38 -11.10
C VAL B 67 -32.43 8.52 -9.59
N GLY B 68 -32.05 7.44 -8.91
CA GLY B 68 -31.89 7.45 -7.46
C GLY B 68 -30.61 8.14 -7.02
N LEU B 69 -30.72 9.13 -6.13
CA LEU B 69 -29.57 9.89 -5.66
C LEU B 69 -29.01 9.48 -4.28
N GLY B 70 -29.69 8.58 -3.58
CA GLY B 70 -29.22 8.19 -2.26
C GLY B 70 -29.66 9.21 -1.22
N LYS B 71 -28.95 9.28 -0.10
CA LYS B 71 -29.26 10.20 0.99
C LYS B 71 -28.92 11.65 0.59
N LYS B 72 -29.89 12.55 0.70
CA LYS B 72 -29.67 13.94 0.30
C LYS B 72 -28.47 14.61 0.96
N THR B 73 -28.33 14.44 2.26
CA THR B 73 -27.22 15.09 2.97
C THR B 73 -25.93 14.26 3.10
N ALA B 74 -25.74 13.28 2.22
CA ALA B 74 -24.53 12.46 2.28
C ALA B 74 -23.31 13.35 1.98
N GLY B 75 -22.40 13.45 2.95
CA GLY B 75 -21.21 14.27 2.77
C GLY B 75 -19.96 13.43 2.69
N ILE B 76 -18.89 13.90 3.34
CA ILE B 76 -17.62 13.16 3.31
C ILE B 76 -17.73 11.87 4.13
N ASP B 77 -17.42 10.74 3.49
CA ASP B 77 -17.46 9.44 4.16
C ASP B 77 -16.05 9.19 4.74
N GLU B 78 -15.91 9.26 6.05
CA GLU B 78 -14.61 9.08 6.69
C GLU B 78 -13.98 7.70 6.43
N GLN B 79 -14.78 6.70 6.08
CA GLN B 79 -14.25 5.36 5.82
C GLN B 79 -13.79 5.18 4.38
N GLU B 80 -14.43 5.90 3.46
CA GLU B 80 -14.11 5.78 2.03
C GLU B 80 -13.21 6.87 1.48
N ASN B 81 -12.96 7.92 2.27
CA ASN B 81 -12.12 9.03 1.84
C ASN B 81 -12.62 9.74 0.55
N TRP B 82 -13.91 10.04 0.50
CA TRP B 82 -14.49 10.77 -0.62
C TRP B 82 -15.81 11.39 -0.23
N HIS B 83 -16.23 12.40 -0.99
CA HIS B 83 -17.51 13.02 -0.74
C HIS B 83 -18.53 12.08 -1.40
N GLU B 84 -19.28 11.35 -0.58
CA GLU B 84 -20.27 10.39 -1.07
C GLU B 84 -21.40 10.97 -1.92
N GLY B 85 -21.92 12.14 -1.53
CA GLY B 85 -22.98 12.77 -2.28
C GLY B 85 -22.59 13.02 -3.73
N LYS B 86 -21.39 13.55 -3.95
CA LYS B 86 -20.91 13.81 -5.30
C LYS B 86 -20.79 12.51 -6.09
N GLU B 87 -20.27 11.46 -5.46
CA GLU B 87 -20.13 10.16 -6.13
C GLU B 87 -21.50 9.59 -6.50
N ASN B 88 -22.49 9.79 -5.62
CA ASN B 88 -23.85 9.29 -5.89
C ASN B 88 -24.40 10.01 -7.12
N ILE B 89 -24.22 11.33 -7.18
CA ILE B 89 -24.71 12.12 -8.31
C ILE B 89 -24.06 11.71 -9.62
N ARG B 90 -22.73 11.59 -9.62
CA ARG B 90 -22.00 11.18 -10.81
C ARG B 90 -22.53 9.86 -11.37
N ALA B 91 -22.69 8.86 -10.51
CA ALA B 91 -23.17 7.54 -10.91
C ALA B 91 -24.61 7.57 -11.44
N ALA B 92 -25.50 8.22 -10.70
CA ALA B 92 -26.92 8.30 -11.09
C ALA B 92 -27.16 9.02 -12.42
N VAL B 93 -26.54 10.18 -12.59
CA VAL B 93 -26.68 10.94 -13.84
C VAL B 93 -26.12 10.14 -15.02
N ALA B 94 -24.98 9.49 -14.82
CA ALA B 94 -24.37 8.68 -15.89
C ALA B 94 -25.34 7.58 -16.32
N ALA B 95 -25.91 6.85 -15.35
CA ALA B 95 -26.85 5.79 -15.67
C ALA B 95 -28.08 6.34 -16.43
N GLY B 96 -28.58 7.50 -15.99
CA GLY B 96 -29.72 8.12 -16.65
C GLY B 96 -29.43 8.51 -18.10
N CYS B 97 -28.27 9.11 -18.35
CA CYS B 97 -27.90 9.50 -19.71
C CYS B 97 -27.71 8.27 -20.62
N ARG B 98 -27.16 7.18 -20.07
CA ARG B 98 -26.98 5.97 -20.87
C ARG B 98 -28.32 5.42 -21.33
N GLN B 99 -29.35 5.52 -20.48
CA GLN B 99 -30.70 5.04 -20.83
C GLN B 99 -31.28 5.87 -21.98
N ILE B 100 -31.11 7.19 -21.90
CA ILE B 100 -31.58 8.10 -22.95
C ILE B 100 -30.87 7.77 -24.28
N GLN B 101 -29.58 7.49 -24.23
CA GLN B 101 -28.83 7.15 -25.43
C GLN B 101 -29.29 5.82 -26.03
N ASP B 102 -29.64 4.86 -25.17
CA ASP B 102 -30.11 3.56 -25.65
C ASP B 102 -31.44 3.73 -26.41
N LEU B 103 -32.20 4.76 -26.03
CA LEU B 103 -33.48 5.09 -26.69
C LEU B 103 -33.23 5.90 -27.98
N GLU B 104 -31.95 6.12 -28.30
CA GLU B 104 -31.54 6.84 -29.49
C GLU B 104 -31.99 8.31 -29.56
N ILE B 105 -32.06 8.97 -28.40
CA ILE B 105 -32.44 10.38 -28.31
C ILE B 105 -31.16 11.23 -28.35
N PRO B 106 -31.07 12.18 -29.30
CA PRO B 106 -29.90 13.06 -29.48
C PRO B 106 -29.65 14.20 -28.49
N SER B 107 -30.66 14.58 -27.72
CA SER B 107 -30.50 15.68 -26.76
C SER B 107 -31.10 15.32 -25.41
N VAL B 108 -30.43 15.70 -24.33
CA VAL B 108 -30.94 15.42 -23.00
C VAL B 108 -30.70 16.60 -22.07
N GLU B 109 -31.69 16.92 -21.26
CA GLU B 109 -31.55 17.99 -20.27
C GLU B 109 -31.35 17.27 -18.95
N VAL B 110 -30.40 17.76 -18.15
CA VAL B 110 -30.03 17.13 -16.89
C VAL B 110 -30.24 17.97 -15.63
N ASP B 111 -30.97 17.39 -14.68
CA ASP B 111 -31.27 17.98 -13.36
C ASP B 111 -29.91 18.20 -12.67
N PRO B 112 -29.64 19.42 -12.16
CA PRO B 112 -28.36 19.70 -11.48
C PRO B 112 -28.18 18.86 -10.20
N CYS B 113 -29.28 18.30 -9.70
CA CYS B 113 -29.26 17.43 -8.51
C CYS B 113 -28.54 18.03 -7.29
N GLY B 114 -28.70 19.32 -7.06
CA GLY B 114 -28.06 19.94 -5.92
C GLY B 114 -26.56 20.20 -6.05
N ASP B 115 -25.96 19.78 -7.15
CA ASP B 115 -24.53 19.96 -7.37
C ASP B 115 -24.30 19.84 -8.89
N ALA B 116 -24.47 20.95 -9.60
CA ALA B 116 -24.31 20.96 -11.05
C ALA B 116 -22.96 20.48 -11.59
N GLN B 117 -21.88 20.72 -10.85
CA GLN B 117 -20.56 20.27 -11.31
C GLN B 117 -20.52 18.74 -11.34
N ALA B 118 -20.98 18.12 -10.25
CA ALA B 118 -21.02 16.65 -10.18
C ALA B 118 -21.95 16.07 -11.25
N ALA B 119 -23.09 16.73 -11.46
CA ALA B 119 -24.07 16.29 -12.46
C ALA B 119 -23.43 16.28 -13.85
N ALA B 120 -22.76 17.38 -14.20
CA ALA B 120 -22.09 17.50 -15.49
C ALA B 120 -20.99 16.45 -15.63
N GLU B 121 -20.24 16.22 -14.56
CA GLU B 121 -19.19 15.18 -14.58
C GLU B 121 -19.81 13.81 -14.87
N GLY B 122 -20.94 13.50 -14.23
CA GLY B 122 -21.58 12.22 -14.49
C GLY B 122 -22.05 12.10 -15.93
N ALA B 123 -22.63 13.17 -16.48
CA ALA B 123 -23.12 13.15 -17.86
C ALA B 123 -22.02 13.03 -18.91
N VAL B 124 -21.03 13.91 -18.83
CA VAL B 124 -19.93 13.95 -19.80
C VAL B 124 -18.99 12.75 -19.68
N LEU B 125 -18.66 12.32 -18.47
CA LEU B 125 -17.82 11.13 -18.31
C LEU B 125 -18.62 9.87 -18.69
N GLY B 126 -19.89 9.83 -18.30
CA GLY B 126 -20.75 8.68 -18.56
C GLY B 126 -21.08 8.36 -20.01
N LEU B 127 -21.28 9.41 -20.80
CA LEU B 127 -21.61 9.21 -22.21
C LEU B 127 -20.41 8.89 -23.09
N TYR B 128 -19.21 9.28 -22.66
CA TYR B 128 -18.00 9.08 -23.48
C TYR B 128 -17.73 7.65 -23.99
N GLU B 129 -17.32 7.57 -25.26
CA GLU B 129 -16.95 6.30 -25.91
C GLU B 129 -15.97 6.61 -27.02
N TYR B 130 -14.88 5.85 -27.12
CA TYR B 130 -13.94 6.05 -28.21
C TYR B 130 -14.45 5.16 -29.36
N ASP B 131 -15.10 5.75 -30.35
CA ASP B 131 -15.64 4.98 -31.45
C ASP B 131 -15.28 5.50 -32.84
N ASP B 132 -14.26 6.33 -32.93
CA ASP B 132 -13.80 6.89 -34.20
C ASP B 132 -13.56 5.86 -35.30
N LEU B 133 -13.01 4.71 -34.93
CA LEU B 133 -12.67 3.67 -35.89
C LEU B 133 -13.75 2.63 -36.18
N LYS B 134 -14.96 2.84 -35.66
CA LYS B 134 -16.06 1.90 -35.88
C LYS B 134 -17.10 2.43 -36.84
N GLN B 135 -17.65 1.54 -37.66
CA GLN B 135 -18.68 1.92 -38.63
C GLN B 135 -20.05 2.06 -37.93
N LYS B 136 -20.31 1.18 -36.96
CA LYS B 136 -21.55 1.21 -36.21
C LYS B 136 -21.30 1.90 -34.88
N ARG B 137 -21.98 3.02 -34.66
CA ARG B 137 -21.82 3.81 -33.44
C ARG B 137 -23.16 4.20 -32.82
N LYS B 138 -23.15 4.44 -31.51
CA LYS B 138 -24.34 4.86 -30.79
C LYS B 138 -24.65 6.30 -31.20
N VAL B 139 -25.87 6.74 -30.94
CA VAL B 139 -26.27 8.11 -31.29
C VAL B 139 -25.47 9.11 -30.46
N VAL B 140 -25.05 10.19 -31.11
CA VAL B 140 -24.31 11.25 -30.43
C VAL B 140 -25.31 12.05 -29.60
N VAL B 141 -25.10 12.07 -28.30
CA VAL B 141 -25.99 12.78 -27.39
C VAL B 141 -25.41 14.10 -26.91
N SER B 142 -26.23 15.15 -27.00
CA SER B 142 -25.85 16.48 -26.55
C SER B 142 -26.56 16.69 -25.20
N ALA B 143 -25.77 16.76 -24.14
CA ALA B 143 -26.31 16.94 -22.79
C ALA B 143 -26.23 18.41 -22.39
N LYS B 144 -27.28 18.90 -21.75
CA LYS B 144 -27.35 20.28 -21.29
C LYS B 144 -28.03 20.37 -19.92
N LEU B 145 -27.74 21.45 -19.20
CA LEU B 145 -28.32 21.66 -17.88
C LEU B 145 -29.82 21.92 -17.98
N HIS B 146 -30.60 21.31 -17.10
CA HIS B 146 -32.05 21.53 -17.06
C HIS B 146 -32.18 22.75 -16.14
N GLY B 147 -32.53 23.89 -16.72
CA GLY B 147 -32.65 25.12 -15.95
C GLY B 147 -31.47 26.01 -16.32
N SER B 148 -31.29 27.14 -15.65
CA SER B 148 -30.17 28.02 -15.98
C SER B 148 -29.46 28.57 -14.76
N GLU B 149 -30.06 28.38 -13.59
CA GLU B 149 -29.52 28.86 -12.33
C GLU B 149 -28.07 28.47 -12.03
N ASP B 150 -27.73 27.20 -12.24
CA ASP B 150 -26.40 26.71 -11.92
C ASP B 150 -25.48 26.53 -13.11
N GLN B 151 -25.62 27.38 -14.14
CA GLN B 151 -24.80 27.24 -15.36
C GLN B 151 -23.28 27.30 -15.18
N GLU B 152 -22.80 28.16 -14.29
CA GLU B 152 -21.36 28.27 -14.06
C GLU B 152 -20.81 26.95 -13.52
N ALA B 153 -21.51 26.36 -12.54
CA ALA B 153 -21.06 25.11 -11.96
C ALA B 153 -21.11 23.99 -13.00
N TRP B 154 -22.19 23.96 -13.79
CA TRP B 154 -22.36 22.97 -14.85
C TRP B 154 -21.16 23.05 -15.81
N GLN B 155 -20.85 24.26 -16.28
CA GLN B 155 -19.72 24.46 -17.20
C GLN B 155 -18.39 23.98 -16.61
N ARG B 156 -18.21 24.17 -15.30
CA ARG B 156 -16.99 23.76 -14.62
C ARG B 156 -16.89 22.23 -14.67
N GLY B 157 -18.01 21.55 -14.43
CA GLY B 157 -18.03 20.10 -14.49
C GLY B 157 -17.72 19.59 -15.89
N VAL B 158 -18.30 20.24 -16.90
CA VAL B 158 -18.02 19.87 -18.28
C VAL B 158 -16.50 20.01 -18.55
N LEU B 159 -15.88 21.05 -18.00
CA LEU B 159 -14.45 21.29 -18.19
C LEU B 159 -13.61 20.19 -17.54
N PHE B 160 -13.89 19.88 -16.28
CA PHE B 160 -13.15 18.83 -15.58
C PHE B 160 -13.29 17.48 -16.31
N ALA B 161 -14.53 17.16 -16.70
CA ALA B 161 -14.82 15.91 -17.39
C ALA B 161 -14.13 15.84 -18.76
N SER B 162 -14.13 16.95 -19.48
CA SER B 162 -13.51 17.00 -20.80
C SER B 162 -12.00 16.76 -20.69
N GLY B 163 -11.39 17.23 -19.61
CA GLY B 163 -9.97 17.02 -19.39
C GLY B 163 -9.69 15.53 -19.25
N GLN B 164 -10.51 14.84 -18.44
CA GLN B 164 -10.34 13.41 -18.26
C GLN B 164 -10.61 12.64 -19.57
N ASN B 165 -11.62 13.07 -20.33
CA ASN B 165 -11.95 12.40 -21.60
C ASN B 165 -10.84 12.54 -22.63
N LEU B 166 -10.10 13.66 -22.60
CA LEU B 166 -8.97 13.84 -23.53
C LEU B 166 -7.92 12.78 -23.15
N ALA B 167 -7.69 12.61 -21.84
CA ALA B 167 -6.74 11.58 -21.38
C ALA B 167 -7.20 10.20 -21.85
N ARG B 168 -8.50 9.93 -21.73
CA ARG B 168 -9.05 8.64 -22.14
C ARG B 168 -8.86 8.40 -23.65
N ARG B 169 -9.16 9.41 -24.47
CA ARG B 169 -8.97 9.31 -25.92
C ARG B 169 -7.51 8.95 -26.23
N LEU B 170 -6.58 9.71 -25.67
CA LEU B 170 -5.14 9.47 -25.91
C LEU B 170 -4.72 8.04 -25.52
N MET B 171 -5.20 7.58 -24.36
CA MET B 171 -4.87 6.25 -23.89
C MET B 171 -5.49 5.12 -24.73
N GLU B 172 -6.77 5.27 -25.07
CA GLU B 172 -7.50 4.25 -25.83
C GLU B 172 -7.06 4.06 -27.29
N THR B 173 -6.72 5.15 -27.97
CA THR B 173 -6.31 5.10 -29.38
C THR B 173 -5.19 4.08 -29.62
N PRO B 174 -5.33 3.23 -30.67
CA PRO B 174 -4.28 2.24 -30.94
C PRO B 174 -2.91 2.90 -31.18
N ALA B 175 -1.84 2.21 -30.79
CA ALA B 175 -0.49 2.74 -30.93
C ALA B 175 -0.01 3.05 -32.35
N ASN B 176 -0.56 2.39 -33.37
CA ASN B 176 -0.13 2.68 -34.73
C ASN B 176 -0.65 4.03 -35.21
N GLU B 177 -1.61 4.58 -34.46
CA GLU B 177 -2.14 5.90 -34.77
C GLU B 177 -1.56 6.88 -33.73
N MET B 178 -1.63 6.51 -32.46
CA MET B 178 -1.12 7.33 -31.36
C MET B 178 0.39 7.13 -31.13
N THR B 179 1.17 7.65 -32.07
CA THR B 179 2.62 7.57 -32.01
C THR B 179 3.16 8.73 -31.16
N PRO B 180 4.49 8.74 -30.86
CA PRO B 180 5.03 9.85 -30.06
C PRO B 180 4.73 11.20 -30.74
N THR B 181 4.92 11.26 -32.06
CA THR B 181 4.66 12.47 -32.84
C THR B 181 3.18 12.89 -32.79
N LYS B 182 2.28 11.95 -33.03
CA LYS B 182 0.85 12.25 -33.00
C LYS B 182 0.39 12.75 -31.62
N PHE B 183 0.85 12.07 -30.56
CA PHE B 183 0.50 12.46 -29.19
C PHE B 183 0.88 13.94 -28.96
N ALA B 184 2.13 14.28 -29.28
CA ALA B 184 2.64 15.64 -29.11
C ALA B 184 1.80 16.68 -29.87
N GLU B 185 1.42 16.34 -31.11
CA GLU B 185 0.62 17.23 -31.95
C GLU B 185 -0.79 17.46 -31.39
N ILE B 186 -1.39 16.41 -30.82
CA ILE B 186 -2.73 16.55 -30.24
C ILE B 186 -2.64 17.42 -28.98
N VAL B 187 -1.64 17.17 -28.14
CA VAL B 187 -1.48 17.96 -26.93
C VAL B 187 -1.24 19.42 -27.31
N GLU B 188 -0.42 19.63 -28.34
CA GLU B 188 -0.12 20.97 -28.80
C GLU B 188 -1.36 21.76 -29.20
N GLU B 189 -2.18 21.18 -30.07
CA GLU B 189 -3.40 21.88 -30.52
C GLU B 189 -4.37 22.18 -29.38
N ASN B 190 -4.49 21.25 -28.44
CA ASN B 190 -5.37 21.46 -27.30
C ASN B 190 -4.85 22.55 -26.36
N LEU B 191 -3.54 22.55 -26.08
CA LEU B 191 -2.96 23.56 -25.20
C LEU B 191 -3.04 24.99 -25.78
N LYS B 192 -2.75 25.13 -27.07
CA LYS B 192 -2.82 26.45 -27.71
C LYS B 192 -4.26 26.93 -27.74
N SER B 193 -5.17 25.98 -27.92
CA SER B 193 -6.60 26.29 -27.95
C SER B 193 -7.03 26.77 -26.55
N ALA B 194 -6.46 26.16 -25.52
CA ALA B 194 -6.81 26.53 -24.15
C ALA B 194 -6.38 27.93 -23.74
N SER B 195 -5.18 28.35 -24.15
CA SER B 195 -4.68 29.68 -23.75
C SER B 195 -3.49 30.12 -24.58
N ILE B 196 -3.37 31.42 -24.77
CA ILE B 196 -2.25 32.00 -25.52
C ILE B 196 -1.01 32.09 -24.62
N LYS B 197 -1.20 31.99 -23.31
CA LYS B 197 -0.07 32.07 -22.37
C LYS B 197 0.61 30.70 -22.27
N THR B 198 1.00 30.16 -23.42
CA THR B 198 1.59 28.83 -23.46
C THR B 198 2.71 28.72 -24.49
N ASP B 199 3.57 27.72 -24.31
CA ASP B 199 4.66 27.46 -25.25
C ASP B 199 4.76 25.94 -25.37
N VAL B 200 4.98 25.46 -26.59
CA VAL B 200 5.09 24.03 -26.87
C VAL B 200 6.38 23.72 -27.62
N PHE B 201 7.16 22.77 -27.10
CA PHE B 201 8.41 22.36 -27.74
C PHE B 201 8.35 20.86 -27.99
N ILE B 202 8.23 20.47 -29.25
CA ILE B 202 8.22 19.05 -29.61
C ILE B 202 9.66 18.70 -29.98
N ARG B 203 10.46 18.41 -28.96
CA ARG B 203 11.89 18.13 -29.11
C ARG B 203 12.20 16.83 -29.84
N PRO B 204 13.00 16.90 -30.92
CA PRO B 204 13.38 15.74 -31.72
C PRO B 204 14.57 14.97 -31.12
N LYS B 205 14.89 13.83 -31.74
CA LYS B 205 16.01 13.00 -31.31
C LYS B 205 17.33 13.76 -31.15
N SER B 206 17.64 14.65 -32.09
CA SER B 206 18.88 15.42 -32.03
C SER B 206 18.99 16.23 -30.72
N TRP B 207 17.88 16.76 -30.21
CA TRP B 207 17.89 17.51 -28.95
C TRP B 207 18.10 16.54 -27.79
N ILE B 208 17.43 15.39 -27.85
CA ILE B 208 17.55 14.37 -26.80
C ILE B 208 19.02 13.94 -26.68
N GLU B 209 19.70 13.84 -27.81
CA GLU B 209 21.11 13.47 -27.83
C GLU B 209 21.98 14.59 -27.24
N GLU B 210 21.69 15.84 -27.61
CA GLU B 210 22.46 16.99 -27.10
C GLU B 210 22.33 17.10 -25.58
N GLN B 211 21.18 16.70 -25.06
CA GLN B 211 20.90 16.73 -23.63
C GLN B 211 21.51 15.54 -22.88
N GLU B 212 22.18 14.65 -23.61
CA GLU B 212 22.82 13.45 -23.03
C GLU B 212 21.85 12.53 -22.27
N MET B 213 20.64 12.39 -22.81
CA MET B 213 19.63 11.53 -22.19
C MET B 213 19.82 10.09 -22.67
N GLY B 214 20.94 9.50 -22.26
CA GLY B 214 21.26 8.13 -22.67
C GLY B 214 20.31 7.05 -22.22
N SER B 215 19.70 7.22 -21.05
CA SER B 215 18.75 6.22 -20.53
C SER B 215 17.50 6.17 -21.42
N PHE B 216 16.95 7.34 -21.72
CA PHE B 216 15.75 7.47 -22.56
C PHE B 216 16.07 6.95 -23.97
N LEU B 217 17.21 7.36 -24.52
CA LEU B 217 17.61 6.92 -25.86
C LEU B 217 17.75 5.41 -26.00
N SER B 218 18.24 4.75 -24.94
CA SER B 218 18.42 3.30 -24.99
C SER B 218 17.10 2.54 -25.18
N VAL B 219 16.02 3.07 -24.60
CA VAL B 219 14.71 2.45 -24.73
C VAL B 219 14.16 2.65 -26.14
N ALA B 220 14.27 3.88 -26.65
CA ALA B 220 13.74 4.22 -27.97
C ALA B 220 14.37 3.57 -29.20
N LYS B 221 15.68 3.32 -29.15
CA LYS B 221 16.40 2.79 -30.32
C LYS B 221 15.92 1.46 -30.93
N GLY B 222 15.27 0.62 -30.12
CA GLY B 222 14.80 -0.65 -30.62
C GLY B 222 13.70 -0.56 -31.68
N SER B 223 12.98 0.55 -31.70
CA SER B 223 11.89 0.75 -32.64
C SER B 223 12.26 1.72 -33.76
N GLU B 224 11.54 1.63 -34.88
CA GLU B 224 11.78 2.53 -36.00
C GLU B 224 10.98 3.83 -35.85
N GLU B 225 10.05 3.83 -34.89
CA GLU B 225 9.21 5.02 -34.65
C GLU B 225 10.04 6.11 -33.95
N PRO B 226 10.10 7.31 -34.53
CA PRO B 226 10.87 8.41 -33.93
C PRO B 226 10.41 8.82 -32.54
N PRO B 227 11.36 9.01 -31.61
CA PRO B 227 11.01 9.43 -30.25
C PRO B 227 10.96 10.96 -30.19
N VAL B 228 10.22 11.49 -29.22
CA VAL B 228 10.16 12.94 -29.01
C VAL B 228 10.11 13.22 -27.52
N PHE B 229 10.62 14.39 -27.13
CA PHE B 229 10.56 14.80 -25.75
C PHE B 229 9.64 16.01 -25.74
N LEU B 230 8.41 15.81 -25.29
CA LEU B 230 7.44 16.90 -25.26
C LEU B 230 7.62 17.82 -24.03
N GLU B 231 7.80 19.11 -24.29
CA GLU B 231 7.95 20.12 -23.24
C GLU B 231 6.90 21.22 -23.45
N ILE B 232 6.01 21.39 -22.47
CA ILE B 232 4.97 22.41 -22.55
C ILE B 232 5.01 23.36 -21.34
N HIS B 233 4.68 24.62 -21.57
CA HIS B 233 4.69 25.64 -20.50
C HIS B 233 3.34 26.36 -20.46
N TYR B 234 2.87 26.66 -19.25
CA TYR B 234 1.65 27.44 -19.06
C TYR B 234 2.07 28.55 -18.10
N LYS B 235 2.08 29.78 -18.60
CA LYS B 235 2.51 30.94 -17.84
C LYS B 235 1.35 31.70 -17.25
N GLY B 236 0.75 31.13 -16.20
CA GLY B 236 -0.41 31.76 -15.59
C GLY B 236 -0.18 32.72 -14.45
N SER B 237 1.01 32.69 -13.85
CA SER B 237 1.29 33.58 -12.73
C SER B 237 1.47 35.03 -13.17
N PRO B 238 1.04 35.98 -12.33
CA PRO B 238 1.15 37.42 -12.62
C PRO B 238 2.63 37.78 -12.68
N ASN B 239 3.42 37.04 -11.91
CA ASN B 239 4.87 37.22 -11.84
C ASN B 239 5.51 36.18 -12.77
N ALA B 240 6.06 36.63 -13.89
CA ALA B 240 6.70 35.73 -14.85
C ALA B 240 7.82 34.89 -14.26
N SER B 241 8.54 35.44 -13.28
CA SER B 241 9.64 34.74 -12.66
C SER B 241 9.24 33.80 -11.52
N GLU B 242 7.94 33.71 -11.22
CA GLU B 242 7.48 32.83 -10.15
C GLU B 242 7.89 31.39 -10.49
N PRO B 243 8.53 30.67 -9.55
CA PRO B 243 8.96 29.28 -9.80
C PRO B 243 7.76 28.42 -10.18
N PRO B 244 7.91 27.60 -11.23
CA PRO B 244 6.81 26.74 -11.69
C PRO B 244 6.66 25.42 -10.95
N LEU B 245 5.50 24.79 -11.13
CA LEU B 245 5.28 23.46 -10.58
C LEU B 245 5.64 22.64 -11.84
N VAL B 246 6.37 21.54 -11.67
CA VAL B 246 6.73 20.72 -12.83
C VAL B 246 6.06 19.35 -12.76
N PHE B 247 5.46 18.94 -13.88
CA PHE B 247 4.81 17.63 -14.01
C PHE B 247 5.58 16.79 -15.02
N VAL B 248 5.75 15.51 -14.74
CA VAL B 248 6.47 14.59 -15.63
C VAL B 248 5.61 13.34 -15.85
N GLY B 249 5.50 12.89 -17.10
CA GLY B 249 4.71 11.71 -17.37
C GLY B 249 5.37 10.67 -18.28
N LYS B 250 5.30 9.40 -17.91
CA LYS B 250 5.85 8.31 -18.71
C LYS B 250 5.05 8.17 -20.03
N GLY B 251 5.74 8.33 -21.16
CA GLY B 251 5.08 8.24 -22.46
C GLY B 251 5.44 7.07 -23.38
N ILE B 252 5.31 5.84 -22.89
CA ILE B 252 5.61 4.69 -23.74
C ILE B 252 4.36 4.45 -24.59
N THR B 253 4.40 4.79 -25.88
CA THR B 253 3.24 4.64 -26.76
C THR B 253 2.81 3.18 -26.98
N PHE B 254 3.78 2.28 -26.89
CA PHE B 254 3.52 0.84 -26.90
C PHE B 254 4.67 0.11 -26.23
N ASP B 255 4.33 -0.77 -25.29
CA ASP B 255 5.34 -1.52 -24.55
C ASP B 255 5.24 -3.02 -24.83
N SER B 256 6.14 -3.54 -25.67
CA SER B 256 6.18 -4.97 -25.97
C SER B 256 7.14 -5.68 -25.01
N GLY B 257 7.90 -4.89 -24.26
CA GLY B 257 8.90 -5.42 -23.34
C GLY B 257 10.32 -5.43 -23.93
N GLY B 258 10.42 -5.35 -25.26
CA GLY B 258 11.72 -5.38 -25.91
C GLY B 258 12.26 -6.81 -25.90
N ILE B 259 13.57 -6.96 -25.76
CA ILE B 259 14.22 -8.27 -25.72
C ILE B 259 13.68 -9.13 -24.57
N SER B 260 13.35 -8.51 -23.44
CA SER B 260 12.76 -9.19 -22.29
C SER B 260 11.25 -9.09 -22.62
N ILE B 261 10.88 -9.71 -23.72
CA ILE B 261 9.53 -9.67 -24.27
C ILE B 261 8.38 -10.10 -23.37
N LYS B 262 7.24 -9.41 -23.49
CA LYS B 262 6.04 -9.69 -22.70
C LYS B 262 5.27 -10.90 -23.23
N ALA B 263 4.39 -11.44 -22.38
CA ALA B 263 3.53 -12.57 -22.75
C ALA B 263 2.46 -11.97 -23.67
N ALA B 264 1.83 -12.79 -24.50
CA ALA B 264 0.81 -12.31 -25.44
C ALA B 264 -0.52 -11.84 -24.84
N ALA B 265 -1.02 -12.58 -23.85
CA ALA B 265 -2.32 -12.28 -23.23
C ALA B 265 -2.50 -10.84 -22.80
N ASN B 266 -3.52 -10.19 -23.37
CA ASN B 266 -3.84 -8.80 -23.07
C ASN B 266 -2.74 -7.77 -23.32
N MET B 267 -1.75 -8.11 -24.16
CA MET B 267 -0.67 -7.16 -24.42
C MET B 267 -1.20 -5.91 -25.13
N ASP B 268 -2.39 -6.01 -25.71
CA ASP B 268 -2.99 -4.87 -26.40
C ASP B 268 -3.16 -3.65 -25.49
N LEU B 269 -3.38 -3.89 -24.20
CA LEU B 269 -3.57 -2.81 -23.24
C LEU B 269 -2.30 -1.92 -23.09
N MET B 270 -1.16 -2.43 -23.55
CA MET B 270 0.08 -1.68 -23.46
C MET B 270 0.11 -0.43 -24.38
N ARG B 271 -0.97 -0.25 -25.16
CA ARG B 271 -1.10 0.95 -25.98
C ARG B 271 -1.34 2.14 -25.02
N ALA B 272 -1.73 1.82 -23.78
CA ALA B 272 -1.99 2.84 -22.76
C ALA B 272 -0.80 3.04 -21.81
N ASP B 273 0.38 2.54 -22.19
CA ASP B 273 1.56 2.71 -21.34
C ASP B 273 2.06 4.17 -21.37
N MET B 274 1.31 5.03 -22.06
CA MET B 274 1.61 6.45 -22.11
C MET B 274 0.57 7.21 -21.27
N GLY B 275 -0.12 6.49 -20.40
CA GLY B 275 -1.13 7.09 -19.53
C GLY B 275 -0.59 8.18 -18.61
N GLY B 276 0.64 8.02 -18.13
CA GLY B 276 1.23 9.04 -17.26
C GLY B 276 1.34 10.36 -18.01
N ALA B 277 1.81 10.30 -19.25
CA ALA B 277 1.94 11.47 -20.11
C ALA B 277 0.55 12.06 -20.41
N ALA B 278 -0.42 11.18 -20.69
CA ALA B 278 -1.77 11.63 -20.99
C ALA B 278 -2.43 12.39 -19.84
N THR B 279 -2.34 11.84 -18.63
CA THR B 279 -2.96 12.49 -17.48
C THR B 279 -2.33 13.82 -17.09
N ILE B 280 -1.00 13.90 -17.06
CA ILE B 280 -0.38 15.19 -16.70
C ILE B 280 -0.55 16.25 -17.80
N CYS B 281 -0.47 15.85 -19.07
CA CYS B 281 -0.65 16.83 -20.14
C CYS B 281 -2.09 17.33 -20.18
N SER B 282 -3.06 16.45 -19.94
CA SER B 282 -4.46 16.87 -19.97
C SER B 282 -4.77 17.79 -18.77
N ALA B 283 -4.17 17.50 -17.62
CA ALA B 283 -4.38 18.32 -16.43
C ALA B 283 -3.87 19.74 -16.71
N ILE B 284 -2.73 19.83 -17.40
CA ILE B 284 -2.15 21.13 -17.73
C ILE B 284 -3.06 21.89 -18.71
N VAL B 285 -3.60 21.18 -19.70
CA VAL B 285 -4.52 21.79 -20.68
C VAL B 285 -5.72 22.39 -19.91
N SER B 286 -6.29 21.61 -19.01
CA SER B 286 -7.42 22.05 -18.21
C SER B 286 -7.09 23.23 -17.29
N ALA B 287 -5.91 23.19 -16.66
CA ALA B 287 -5.47 24.28 -15.80
C ALA B 287 -5.40 25.57 -16.62
N ALA B 288 -4.94 25.46 -17.87
CA ALA B 288 -4.84 26.61 -18.76
C ALA B 288 -6.23 27.14 -19.11
N LYS B 289 -7.18 26.23 -19.36
CA LYS B 289 -8.55 26.61 -19.69
C LYS B 289 -9.16 27.37 -18.51
N LEU B 290 -8.84 26.92 -17.29
CA LEU B 290 -9.34 27.55 -16.06
C LEU B 290 -8.68 28.89 -15.77
N ASP B 291 -7.59 29.20 -16.49
CA ASP B 291 -6.84 30.44 -16.32
C ASP B 291 -6.24 30.55 -14.90
N LEU B 292 -5.79 29.41 -14.36
CA LEU B 292 -5.22 29.41 -13.01
C LEU B 292 -3.99 30.34 -12.93
N PRO B 293 -3.88 31.12 -11.85
CA PRO B 293 -2.77 32.06 -11.67
C PRO B 293 -1.45 31.43 -11.22
N ILE B 294 -0.98 30.42 -11.95
CA ILE B 294 0.29 29.76 -11.59
C ILE B 294 1.08 29.37 -12.82
N ASN B 295 2.39 29.16 -12.65
CA ASN B 295 3.27 28.77 -13.74
C ASN B 295 3.43 27.24 -13.65
N ILE B 296 3.30 26.55 -14.77
CA ILE B 296 3.41 25.09 -14.80
C ILE B 296 4.20 24.62 -16.02
N VAL B 297 5.01 23.59 -15.84
CA VAL B 297 5.79 23.00 -16.93
C VAL B 297 5.47 21.51 -16.97
N GLY B 298 5.22 20.97 -18.16
CA GLY B 298 4.93 19.56 -18.33
C GLY B 298 6.03 18.92 -19.17
N LEU B 299 6.52 17.77 -18.73
CA LEU B 299 7.59 17.05 -19.43
C LEU B 299 7.14 15.63 -19.75
N ALA B 300 7.22 15.23 -21.02
CA ALA B 300 6.80 13.89 -21.41
C ALA B 300 7.69 13.18 -22.43
N PRO B 301 8.61 12.33 -21.95
CA PRO B 301 9.47 11.60 -22.90
C PRO B 301 8.57 10.53 -23.54
N LEU B 302 8.56 10.49 -24.88
CA LEU B 302 7.71 9.55 -25.64
C LEU B 302 8.47 8.68 -26.66
N CYS B 303 8.21 7.38 -26.62
CA CYS B 303 8.83 6.42 -27.55
C CYS B 303 8.17 5.04 -27.40
N GLU B 304 8.52 4.10 -28.29
CA GLU B 304 8.00 2.74 -28.21
C GLU B 304 9.11 1.86 -27.61
N ASN B 305 8.74 0.70 -27.06
CA ASN B 305 9.70 -0.26 -26.51
C ASN B 305 9.50 -1.53 -27.35
N MET B 306 10.36 -1.73 -28.34
CA MET B 306 10.26 -2.86 -29.28
C MET B 306 11.54 -3.71 -29.43
N PRO B 307 11.39 -4.99 -29.82
CA PRO B 307 12.55 -5.85 -30.00
C PRO B 307 13.06 -5.72 -31.44
N SER B 308 14.38 -5.75 -31.63
CA SER B 308 14.97 -5.65 -32.96
C SER B 308 16.45 -5.94 -32.87
N GLY B 309 17.14 -5.78 -34.00
CA GLY B 309 18.57 -6.02 -34.06
C GLY B 309 19.40 -4.92 -33.43
N LYS B 310 18.77 -3.86 -32.95
CA LYS B 310 19.52 -2.79 -32.28
C LYS B 310 18.91 -2.38 -30.95
N ALA B 311 18.04 -3.22 -30.42
CA ALA B 311 17.37 -2.93 -29.15
C ALA B 311 18.25 -3.13 -27.91
N ASN B 312 17.84 -2.53 -26.80
CA ASN B 312 18.50 -2.66 -25.50
C ASN B 312 18.68 -4.16 -25.27
N LYS B 313 19.83 -4.56 -24.72
CA LYS B 313 20.10 -5.97 -24.41
C LYS B 313 20.28 -6.11 -22.89
N PRO B 314 19.69 -7.16 -22.28
CA PRO B 314 19.84 -7.35 -20.83
C PRO B 314 21.33 -7.29 -20.44
N GLY B 315 21.64 -6.57 -19.36
CA GLY B 315 23.02 -6.44 -18.91
C GLY B 315 23.71 -5.20 -19.45
N ASP B 316 23.12 -4.53 -20.45
CA ASP B 316 23.71 -3.32 -21.01
C ASP B 316 23.75 -2.21 -19.94
N VAL B 317 24.76 -1.35 -20.01
CA VAL B 317 24.88 -0.26 -19.06
C VAL B 317 24.74 1.06 -19.81
N VAL B 318 23.83 1.89 -19.35
CA VAL B 318 23.57 3.18 -19.97
C VAL B 318 23.82 4.33 -19.00
N ARG B 319 24.10 5.51 -19.55
CA ARG B 319 24.40 6.68 -18.73
C ARG B 319 23.30 7.73 -18.79
N ALA B 320 22.72 8.03 -17.62
CA ALA B 320 21.66 9.03 -17.51
C ALA B 320 22.25 10.45 -17.62
N ARG B 321 21.37 11.43 -17.80
CA ARG B 321 21.74 12.85 -17.92
C ARG B 321 22.60 13.35 -16.77
N ASN B 322 22.36 12.86 -15.56
CA ASN B 322 23.16 13.31 -14.42
C ASN B 322 24.52 12.62 -14.29
N GLY B 323 24.83 11.73 -15.23
CA GLY B 323 26.08 11.00 -15.20
C GLY B 323 26.02 9.66 -14.46
N LYS B 324 24.89 9.35 -13.83
CA LYS B 324 24.74 8.09 -13.10
C LYS B 324 24.51 6.93 -14.08
N THR B 325 25.22 5.82 -13.87
CA THR B 325 25.10 4.64 -14.72
C THR B 325 24.00 3.67 -14.24
N ILE B 326 23.33 3.05 -15.20
CA ILE B 326 22.24 2.12 -14.92
C ILE B 326 22.44 0.78 -15.64
N GLN B 327 22.33 -0.31 -14.89
CA GLN B 327 22.45 -1.65 -15.47
C GLN B 327 21.02 -2.09 -15.83
N VAL B 328 20.79 -2.29 -17.12
CA VAL B 328 19.48 -2.69 -17.64
C VAL B 328 19.35 -4.22 -17.60
N ASP B 329 19.04 -4.77 -16.43
CA ASP B 329 18.90 -6.23 -16.30
C ASP B 329 17.66 -6.77 -17.00
N ASN B 330 16.61 -5.95 -17.09
CA ASN B 330 15.38 -6.35 -17.75
C ASN B 330 14.90 -5.18 -18.60
N THR B 331 14.86 -5.39 -19.92
CA THR B 331 14.47 -4.33 -20.85
C THR B 331 13.00 -3.87 -20.74
N ASP B 332 12.17 -4.67 -20.05
CA ASP B 332 10.75 -4.38 -19.85
C ASP B 332 10.51 -3.45 -18.64
N ALA B 333 11.57 -3.12 -17.91
CA ALA B 333 11.47 -2.16 -16.80
C ALA B 333 11.97 -0.87 -17.47
N GLU B 334 11.30 -0.48 -18.56
CA GLU B 334 11.70 0.68 -19.34
C GLU B 334 11.17 2.03 -18.87
N GLY B 335 10.05 2.03 -18.17
CA GLY B 335 9.48 3.28 -17.68
C GLY B 335 10.44 4.05 -16.78
N ARG B 336 11.10 3.34 -15.86
CA ARG B 336 12.02 4.01 -14.95
C ARG B 336 13.25 4.52 -15.69
N LEU B 337 13.58 3.88 -16.81
CA LEU B 337 14.70 4.32 -17.62
C LEU B 337 14.41 5.69 -18.26
N ILE B 338 13.26 5.84 -18.92
CA ILE B 338 12.96 7.13 -19.56
C ILE B 338 12.69 8.23 -18.52
N LEU B 339 12.11 7.87 -17.38
CA LEU B 339 11.81 8.85 -16.34
C LEU B 339 13.07 9.39 -15.66
N ALA B 340 14.11 8.57 -15.57
CA ALA B 340 15.37 9.00 -14.95
C ALA B 340 15.85 10.29 -15.63
N ASP B 341 15.84 10.30 -16.96
CA ASP B 341 16.28 11.46 -17.72
C ASP B 341 15.34 12.65 -17.61
N ALA B 342 14.03 12.40 -17.65
CA ALA B 342 13.04 13.47 -17.54
C ALA B 342 13.10 14.13 -16.15
N LEU B 343 13.25 13.33 -15.10
CA LEU B 343 13.33 13.84 -13.74
C LEU B 343 14.59 14.70 -13.53
N CYS B 344 15.72 14.29 -14.11
CA CYS B 344 16.94 15.09 -14.02
C CYS B 344 16.66 16.46 -14.66
N TYR B 345 16.13 16.44 -15.89
CA TYR B 345 15.82 17.68 -16.62
C TYR B 345 14.83 18.57 -15.85
N ALA B 346 13.91 17.97 -15.12
CA ALA B 346 12.91 18.72 -14.34
C ALA B 346 13.56 19.70 -13.33
N HIS B 347 14.74 19.36 -12.82
CA HIS B 347 15.43 20.20 -11.85
C HIS B 347 15.94 21.53 -12.43
N THR B 348 16.17 21.57 -13.74
CA THR B 348 16.69 22.78 -14.38
C THR B 348 15.72 23.96 -14.29
N PHE B 349 14.45 23.69 -14.02
CA PHE B 349 13.45 24.75 -13.93
C PHE B 349 13.33 25.35 -12.54
N ASN B 350 14.16 24.88 -11.60
CA ASN B 350 14.10 25.34 -10.21
C ASN B 350 12.63 25.39 -9.76
N PRO B 351 11.92 24.26 -9.85
CA PRO B 351 10.51 24.18 -9.48
C PRO B 351 10.17 24.25 -7.99
N LYS B 352 8.89 24.55 -7.71
CA LYS B 352 8.37 24.60 -6.36
C LYS B 352 8.04 23.16 -5.92
N VAL B 353 7.55 22.37 -6.88
CA VAL B 353 7.12 20.98 -6.65
C VAL B 353 7.36 20.18 -7.93
N ILE B 354 7.66 18.89 -7.79
CA ILE B 354 7.84 18.01 -8.95
C ILE B 354 6.87 16.84 -8.75
N ILE B 355 5.98 16.62 -9.71
CA ILE B 355 5.05 15.49 -9.62
C ILE B 355 5.12 14.68 -10.90
N ASN B 356 5.35 13.39 -10.79
CA ASN B 356 5.38 12.55 -11.99
C ASN B 356 4.28 11.49 -11.90
N ALA B 357 3.78 11.07 -13.05
CA ALA B 357 2.75 10.04 -13.13
C ALA B 357 3.20 8.99 -14.14
N ALA B 358 2.91 7.72 -13.84
CA ALA B 358 3.33 6.64 -14.72
C ALA B 358 2.59 5.32 -14.49
N THR B 359 2.34 4.59 -15.57
CA THR B 359 1.72 3.25 -15.49
C THR B 359 2.98 2.40 -15.29
N LEU B 360 3.60 2.56 -14.13
CA LEU B 360 4.89 1.95 -13.85
C LEU B 360 5.06 0.47 -13.55
N THR B 361 4.23 -0.08 -12.68
CA THR B 361 4.41 -1.49 -12.34
C THR B 361 3.16 -2.34 -12.23
N GLY B 362 3.28 -3.60 -12.63
CA GLY B 362 2.17 -4.52 -12.48
C GLY B 362 1.98 -4.76 -10.98
N ALA B 363 3.06 -4.59 -10.22
CA ALA B 363 3.03 -4.78 -8.77
C ALA B 363 2.04 -3.83 -8.11
N MET B 364 1.90 -2.61 -8.63
CA MET B 364 0.97 -1.64 -8.07
C MET B 364 -0.47 -2.16 -8.23
N ASP B 365 -0.73 -2.82 -9.36
CA ASP B 365 -2.05 -3.39 -9.61
C ASP B 365 -2.33 -4.51 -8.60
N ILE B 366 -1.32 -5.34 -8.35
CA ILE B 366 -1.47 -6.43 -7.40
C ILE B 366 -1.69 -5.84 -5.99
N ALA B 367 -1.04 -4.70 -5.72
CA ALA B 367 -1.15 -4.05 -4.41
C ALA B 367 -2.51 -3.40 -4.12
N LEU B 368 -2.97 -2.50 -4.98
CA LEU B 368 -4.25 -1.78 -4.77
C LEU B 368 -5.30 -1.88 -5.88
N GLY B 369 -4.94 -2.50 -7.01
CA GLY B 369 -5.87 -2.62 -8.11
C GLY B 369 -6.37 -1.26 -8.58
N SER B 370 -7.66 -1.17 -8.91
CA SER B 370 -8.25 0.09 -9.37
C SER B 370 -8.89 0.93 -8.25
N GLY B 371 -8.65 0.55 -7.00
CA GLY B 371 -9.22 1.29 -5.90
C GLY B 371 -8.67 2.70 -5.72
N ALA B 372 -7.36 2.86 -5.94
CA ALA B 372 -6.72 4.17 -5.79
C ALA B 372 -5.35 4.20 -6.43
N THR B 373 -4.90 5.39 -6.80
CA THR B 373 -3.58 5.60 -7.38
C THR B 373 -2.58 5.57 -6.22
N GLY B 374 -1.45 4.87 -6.39
CA GLY B 374 -0.45 4.82 -5.34
C GLY B 374 0.43 6.05 -5.37
N VAL B 375 0.61 6.71 -4.23
CA VAL B 375 1.43 7.92 -4.15
C VAL B 375 2.68 7.74 -3.26
N PHE B 376 3.86 7.94 -3.85
CA PHE B 376 5.14 7.86 -3.14
C PHE B 376 5.67 9.31 -3.07
N THR B 377 5.93 9.82 -1.86
CA THR B 377 6.42 11.21 -1.73
C THR B 377 7.29 11.46 -0.50
N ASN B 378 8.25 12.38 -0.64
CA ASN B 378 9.13 12.75 0.47
C ASN B 378 8.57 13.96 1.23
N SER B 379 7.33 14.33 0.91
CA SER B 379 6.68 15.48 1.54
C SER B 379 5.27 15.17 2.05
N SER B 380 5.08 15.17 3.36
CA SER B 380 3.76 14.90 3.91
C SER B 380 2.78 16.03 3.58
N TRP B 381 3.30 17.25 3.42
CA TRP B 381 2.47 18.40 3.02
C TRP B 381 1.88 18.12 1.63
N LEU B 382 2.72 17.65 0.71
CA LEU B 382 2.28 17.34 -0.65
C LEU B 382 1.28 16.18 -0.65
N TRP B 383 1.56 15.14 0.13
CA TRP B 383 0.64 14.01 0.23
C TRP B 383 -0.74 14.52 0.66
N ASN B 384 -0.78 15.34 1.71
CA ASN B 384 -2.07 15.84 2.19
C ASN B 384 -2.84 16.67 1.18
N LYS B 385 -2.15 17.47 0.37
CA LYS B 385 -2.84 18.25 -0.64
C LYS B 385 -3.45 17.32 -1.71
N LEU B 386 -2.70 16.31 -2.15
CA LEU B 386 -3.21 15.37 -3.16
C LEU B 386 -4.39 14.58 -2.58
N PHE B 387 -4.27 14.17 -1.32
CA PHE B 387 -5.32 13.41 -0.63
C PHE B 387 -6.59 14.24 -0.54
N GLU B 388 -6.47 15.48 -0.07
CA GLU B 388 -7.63 16.36 0.07
C GLU B 388 -8.31 16.60 -1.27
N ALA B 389 -7.52 16.79 -2.32
CA ALA B 389 -8.10 17.01 -3.65
C ALA B 389 -8.88 15.78 -4.10
N SER B 390 -8.34 14.59 -3.82
CA SER B 390 -8.97 13.34 -4.22
C SER B 390 -10.32 13.11 -3.53
N ILE B 391 -10.49 13.64 -2.32
CA ILE B 391 -11.76 13.47 -1.61
C ILE B 391 -12.88 14.17 -2.39
N GLU B 392 -12.55 15.34 -2.93
CA GLU B 392 -13.50 16.13 -3.71
C GLU B 392 -13.88 15.47 -5.04
N THR B 393 -12.87 14.99 -5.77
CA THR B 393 -13.09 14.39 -7.08
C THR B 393 -13.61 12.97 -7.10
N GLY B 394 -13.37 12.23 -6.01
CA GLY B 394 -13.79 10.85 -5.95
C GLY B 394 -12.75 9.92 -6.56
N ASP B 395 -11.77 10.47 -7.28
CA ASP B 395 -10.72 9.70 -7.93
C ASP B 395 -9.57 9.57 -6.90
N ARG B 396 -9.71 8.57 -6.04
CA ARG B 396 -8.81 8.36 -4.89
C ARG B 396 -7.32 8.07 -5.05
N VAL B 397 -6.56 8.52 -4.05
CA VAL B 397 -5.10 8.28 -3.97
C VAL B 397 -4.84 7.62 -2.62
N TRP B 398 -3.77 6.82 -2.56
CA TRP B 398 -3.41 6.10 -1.33
C TRP B 398 -1.88 6.13 -1.22
N ARG B 399 -1.36 6.53 -0.06
CA ARG B 399 0.10 6.63 0.12
C ARG B 399 0.84 5.29 0.21
N MET B 400 2.02 5.24 -0.41
CA MET B 400 2.89 4.06 -0.43
C MET B 400 4.27 4.52 0.12
N PRO B 401 5.02 3.62 0.77
CA PRO B 401 6.33 3.94 1.37
C PRO B 401 7.59 4.24 0.54
N LEU B 402 8.25 5.34 0.89
CA LEU B 402 9.49 5.75 0.24
C LEU B 402 10.58 5.56 1.32
N PHE B 403 11.05 4.32 1.47
CA PHE B 403 12.05 3.95 2.49
C PHE B 403 13.41 3.54 1.89
N GLU B 404 14.50 3.80 2.63
CA GLU B 404 15.85 3.43 2.20
C GLU B 404 15.94 1.89 2.06
N HIS B 405 15.10 1.21 2.82
CA HIS B 405 14.99 -0.25 2.79
C HIS B 405 14.90 -0.69 1.31
N TYR B 406 14.08 0.00 0.53
CA TYR B 406 13.90 -0.32 -0.88
C TYR B 406 15.06 0.18 -1.76
N THR B 407 15.64 1.31 -1.39
CA THR B 407 16.77 1.87 -2.14
C THR B 407 17.97 0.89 -2.13
N ARG B 408 18.21 0.29 -0.96
CA ARG B 408 19.33 -0.65 -0.78
C ARG B 408 19.28 -1.78 -1.80
N GLN B 409 18.07 -2.17 -2.18
CA GLN B 409 17.87 -3.26 -3.12
C GLN B 409 18.07 -2.91 -4.59
N VAL B 410 18.17 -1.62 -4.91
CA VAL B 410 18.41 -1.21 -6.29
C VAL B 410 19.83 -0.69 -6.48
N ILE B 411 20.48 -0.24 -5.41
CA ILE B 411 21.84 0.22 -5.55
C ILE B 411 22.85 -0.94 -5.42
N ASP B 412 22.34 -2.13 -5.05
CA ASP B 412 23.20 -3.32 -4.99
C ASP B 412 23.25 -3.67 -6.46
N CYS B 413 24.34 -3.28 -7.13
CA CYS B 413 24.45 -3.48 -8.56
C CYS B 413 25.82 -4.05 -8.98
N GLN B 414 25.79 -5.11 -9.78
CA GLN B 414 27.02 -5.76 -10.24
C GLN B 414 27.93 -4.88 -11.09
N LEU B 415 27.35 -4.17 -12.06
CA LEU B 415 28.13 -3.36 -13.00
C LEU B 415 28.05 -1.84 -12.92
N ALA B 416 26.96 -1.32 -12.39
CA ALA B 416 26.74 0.13 -12.39
C ALA B 416 26.33 0.76 -11.07
N ASP B 417 26.00 2.05 -11.11
CA ASP B 417 25.59 2.77 -9.91
C ASP B 417 24.23 2.28 -9.40
N VAL B 418 23.32 1.96 -10.32
CA VAL B 418 21.98 1.49 -9.94
C VAL B 418 21.46 0.45 -10.93
N ASN B 419 20.71 -0.54 -10.43
CA ASN B 419 20.16 -1.61 -11.27
C ASN B 419 18.70 -1.30 -11.59
N ASN B 420 18.26 -1.55 -12.83
CA ASN B 420 16.87 -1.23 -13.18
C ASN B 420 15.82 -2.19 -12.65
N ILE B 421 16.25 -3.21 -11.90
CA ILE B 421 15.32 -4.15 -11.26
C ILE B 421 15.91 -4.49 -9.88
N GLY B 422 15.03 -4.66 -8.91
CA GLY B 422 15.50 -4.97 -7.56
C GLY B 422 16.13 -6.34 -7.40
N LYS B 423 16.91 -6.50 -6.33
CA LYS B 423 17.59 -7.75 -6.02
C LYS B 423 16.60 -8.87 -5.74
N TYR B 424 15.43 -8.53 -5.21
CA TYR B 424 14.39 -9.51 -4.89
C TYR B 424 13.13 -9.17 -5.68
N ARG B 425 12.15 -10.07 -5.68
CA ARG B 425 10.91 -9.82 -6.42
C ARG B 425 9.78 -9.13 -5.64
N SER B 426 9.93 -9.05 -4.32
CA SER B 426 8.92 -8.44 -3.46
C SER B 426 8.91 -6.91 -3.57
N ALA B 427 7.75 -6.33 -3.28
CA ALA B 427 7.56 -4.88 -3.27
C ALA B 427 8.00 -4.14 -4.55
N GLY B 428 7.65 -4.70 -5.70
CA GLY B 428 8.01 -4.10 -6.97
C GLY B 428 7.70 -2.62 -7.19
N ALA B 429 6.57 -2.14 -6.69
CA ALA B 429 6.21 -0.73 -6.86
C ALA B 429 7.11 0.15 -5.99
N CYS B 430 7.47 -0.36 -4.81
CA CYS B 430 8.33 0.34 -3.88
C CYS B 430 9.79 0.42 -4.37
N THR B 431 10.31 -0.66 -4.95
CA THR B 431 11.67 -0.62 -5.47
C THR B 431 11.74 0.25 -6.73
N ALA B 432 10.67 0.26 -7.53
CA ALA B 432 10.63 1.11 -8.72
C ALA B 432 10.67 2.59 -8.28
N ALA B 433 9.89 2.92 -7.25
CA ALA B 433 9.86 4.28 -6.71
C ALA B 433 11.24 4.66 -6.16
N ALA B 434 11.91 3.71 -5.51
CA ALA B 434 13.24 3.96 -4.97
C ALA B 434 14.22 4.31 -6.09
N PHE B 435 14.10 3.60 -7.22
CA PHE B 435 14.95 3.84 -8.38
C PHE B 435 14.78 5.30 -8.84
N LEU B 436 13.52 5.72 -9.00
CA LEU B 436 13.23 7.09 -9.43
C LEU B 436 13.85 8.11 -8.49
N LYS B 437 13.77 7.83 -7.19
CA LYS B 437 14.31 8.74 -6.17
C LYS B 437 15.80 8.99 -6.33
N GLU B 438 16.51 8.04 -6.91
CA GLU B 438 17.95 8.20 -7.10
C GLU B 438 18.26 9.29 -8.13
N PHE B 439 17.21 9.80 -8.77
CA PHE B 439 17.34 10.85 -9.78
C PHE B 439 16.60 12.11 -9.35
N VAL B 440 16.33 12.22 -8.05
CA VAL B 440 15.62 13.37 -7.51
C VAL B 440 16.31 13.90 -6.24
N THR B 441 16.52 15.21 -6.18
CA THR B 441 17.11 15.83 -4.98
C THR B 441 16.18 16.90 -4.38
N HIS B 442 15.03 17.10 -5.02
CA HIS B 442 14.04 18.10 -4.62
C HIS B 442 13.29 17.72 -3.32
N PRO B 443 13.01 18.71 -2.44
CA PRO B 443 12.31 18.44 -1.17
C PRO B 443 10.79 18.18 -1.25
N LYS B 444 10.17 18.47 -2.40
CA LYS B 444 8.73 18.26 -2.58
C LYS B 444 8.45 17.53 -3.89
N TRP B 445 8.69 16.22 -3.87
CA TRP B 445 8.49 15.37 -5.04
C TRP B 445 7.47 14.28 -4.74
N ALA B 446 6.60 14.00 -5.71
CA ALA B 446 5.58 12.94 -5.59
C ALA B 446 5.54 12.12 -6.87
N HIS B 447 5.52 10.81 -6.71
CA HIS B 447 5.46 9.85 -7.81
C HIS B 447 4.12 9.11 -7.72
N LEU B 448 3.34 9.17 -8.80
CA LEU B 448 2.05 8.52 -8.85
C LEU B 448 2.10 7.27 -9.77
N ASP B 449 1.96 6.08 -9.20
CA ASP B 449 1.97 4.86 -10.01
C ASP B 449 0.50 4.59 -10.30
N ILE B 450 0.10 4.85 -11.54
CA ILE B 450 -1.29 4.69 -11.97
C ILE B 450 -1.58 3.41 -12.76
N ALA B 451 -0.68 2.44 -12.70
CA ALA B 451 -0.86 1.17 -13.43
C ALA B 451 -2.18 0.46 -13.11
N GLY B 452 -2.57 0.46 -11.84
CA GLY B 452 -3.80 -0.20 -11.43
C GLY B 452 -5.08 0.52 -11.82
N VAL B 453 -5.00 1.81 -12.13
CA VAL B 453 -6.17 2.59 -12.52
C VAL B 453 -6.17 2.92 -14.01
N MET B 454 -5.37 2.18 -14.77
CA MET B 454 -5.28 2.37 -16.22
C MET B 454 -6.60 2.10 -16.93
N THR B 455 -7.32 1.08 -16.46
CA THR B 455 -8.58 0.68 -17.08
C THR B 455 -9.75 0.62 -16.13
N ASN B 456 -10.95 0.54 -16.71
CA ASN B 456 -12.18 0.38 -15.97
C ASN B 456 -13.00 -0.73 -16.62
N LYS B 457 -13.59 -1.56 -15.76
CA LYS B 457 -14.51 -2.61 -16.19
C LYS B 457 -15.83 -1.97 -15.75
N ASP B 458 -16.16 -2.04 -14.47
CA ASP B 458 -17.36 -1.35 -13.97
C ASP B 458 -17.21 -0.86 -12.53
N GLU B 459 -15.97 -0.82 -12.04
CA GLU B 459 -15.69 -0.39 -10.67
C GLU B 459 -16.15 1.06 -10.42
N VAL B 460 -15.83 1.96 -11.36
CA VAL B 460 -16.26 3.35 -11.28
C VAL B 460 -17.52 3.33 -12.16
N PRO B 461 -18.71 3.48 -11.55
CA PRO B 461 -19.99 3.44 -12.28
C PRO B 461 -20.16 4.34 -13.48
N TYR B 462 -19.60 5.54 -13.38
CA TYR B 462 -19.71 6.54 -14.45
C TYR B 462 -18.70 6.49 -15.59
N LEU B 463 -17.90 5.42 -15.66
CA LEU B 463 -16.95 5.27 -16.76
C LEU B 463 -17.28 3.94 -17.46
N ARG B 464 -17.52 3.96 -18.78
CA ARG B 464 -17.80 2.71 -19.49
C ARG B 464 -16.50 1.90 -19.54
N LYS B 465 -16.59 0.65 -19.96
CA LYS B 465 -15.42 -0.24 -20.04
C LYS B 465 -14.37 0.32 -21.02
N GLY B 466 -13.12 0.38 -20.57
CA GLY B 466 -12.04 0.89 -21.42
C GLY B 466 -11.01 1.66 -20.61
N MET B 467 -10.14 2.42 -21.28
CA MET B 467 -9.12 3.21 -20.59
C MET B 467 -9.83 4.27 -19.74
N ALA B 468 -9.34 4.47 -18.51
CA ALA B 468 -9.98 5.35 -17.55
C ALA B 468 -9.59 6.83 -17.48
N GLY B 469 -8.36 7.17 -17.86
CA GLY B 469 -7.93 8.56 -17.79
C GLY B 469 -7.81 9.07 -16.35
N ARG B 470 -7.62 8.14 -15.41
CA ARG B 470 -7.49 8.46 -13.98
C ARG B 470 -6.00 8.70 -13.72
N PRO B 471 -5.64 9.60 -12.78
CA PRO B 471 -6.52 10.47 -11.99
C PRO B 471 -6.49 11.94 -12.43
N THR B 472 -6.79 12.19 -13.70
CA THR B 472 -6.76 13.56 -14.23
C THR B 472 -7.45 14.64 -13.39
N ARG B 473 -8.72 14.43 -13.02
CA ARG B 473 -9.45 15.43 -12.23
C ARG B 473 -8.80 15.72 -10.87
N THR B 474 -8.14 14.73 -10.28
CA THR B 474 -7.50 14.95 -8.98
C THR B 474 -6.33 15.92 -9.16
N LEU B 475 -5.64 15.81 -10.29
CA LEU B 475 -4.52 16.71 -10.60
C LEU B 475 -5.04 18.11 -10.88
N ILE B 476 -6.16 18.21 -11.59
CA ILE B 476 -6.75 19.53 -11.88
C ILE B 476 -7.19 20.19 -10.58
N GLU B 477 -7.84 19.43 -9.70
CA GLU B 477 -8.30 19.96 -8.43
C GLU B 477 -7.11 20.41 -7.54
N PHE B 478 -6.04 19.62 -7.55
CA PHE B 478 -4.83 19.94 -6.78
C PHE B 478 -4.30 21.29 -7.25
N LEU B 479 -4.22 21.47 -8.56
CA LEU B 479 -3.73 22.72 -9.15
C LEU B 479 -4.62 23.92 -8.81
N PHE B 480 -5.93 23.74 -8.91
CA PHE B 480 -6.90 24.80 -8.58
C PHE B 480 -6.71 25.27 -7.13
N ARG B 481 -6.73 24.33 -6.19
CA ARG B 481 -6.55 24.70 -4.79
C ARG B 481 -5.18 25.32 -4.54
N PHE B 482 -4.13 24.78 -5.17
CA PHE B 482 -2.80 25.32 -4.98
C PHE B 482 -2.75 26.78 -5.41
N SER B 483 -3.46 27.12 -6.48
CA SER B 483 -3.46 28.49 -6.97
C SER B 483 -4.23 29.46 -6.08
N GLN B 484 -5.10 28.94 -5.23
CA GLN B 484 -5.90 29.77 -4.34
C GLN B 484 -5.22 29.97 -2.99
#